data_3BCE
#
_entry.id   3BCE
#
_cell.length_a   86.723
_cell.length_b   86.723
_cell.length_c   120.008
_cell.angle_alpha   90.000
_cell.angle_beta   90.000
_cell.angle_gamma   120.000
#
_symmetry.space_group_name_H-M   'P 32'
#
loop_
_entity.id
_entity.type
_entity.pdbx_description
1 polymer 'Receptor tyrosine-protein kinase erbB-4'
2 non-polymer 'MANGANESE (II) ION'
3 non-polymer 'TETRAETHYLENE GLYCOL'
4 non-polymer DI(HYDROXYETHYL)ETHER
5 water water
#
_entity_poly.entity_id   1
_entity_poly.type   'polypeptide(L)'
_entity_poly.pdbx_seq_one_letter_code
;GTAPNQAQLRILKETELKRVKVLGSGAFGTVYKGIWVPEGETVKIPVAIKILNETTGPKANVEFMDEALIMASMDHPHLV
RLLGVCLSPTIQLVTQLMPHGCLLEYVHEHKDNIGSQLLLNWCVQIAKGMMYLEERRLVHRDLAARNVLVKSPNHVKITD
FGLARLLEGDEKEYNADGGKMPIKWMALECIHYRKFTHQSDVWSYGVTIWELMTFGGKPYDGIPTREIPDLLEKGERLPQ
PPICTIDVYMVMVKCWMIDADSRPKFKELAAEFSRMARDPQRYLVIQGDDRMKLPSPNDSKFFQNLLDEEDLEDMMDAEE
YLVPQAFN
;
_entity_poly.pdbx_strand_id   A,B,C
#
# COMPACT_ATOMS: atom_id res chain seq x y z
N THR A 2 23.06 -1.76 38.73
CA THR A 2 21.76 -1.07 38.40
C THR A 2 20.62 -1.54 39.33
N ALA A 3 19.80 -0.58 39.76
CA ALA A 3 18.70 -0.83 40.68
C ALA A 3 17.62 -1.73 40.05
N PRO A 4 16.94 -2.54 40.81
CA PRO A 4 15.93 -3.39 40.17
C PRO A 4 14.68 -2.66 39.73
N ASN A 5 14.12 -3.09 38.63
CA ASN A 5 13.01 -2.44 37.98
C ASN A 5 11.64 -2.95 38.35
N GLN A 6 11.01 -2.38 39.34
CA GLN A 6 9.70 -2.75 39.78
C GLN A 6 8.57 -1.86 39.33
N ALA A 7 8.66 -1.35 38.12
CA ALA A 7 7.52 -0.88 37.38
C ALA A 7 6.43 -1.93 37.32
N GLN A 8 5.18 -1.52 37.33
CA GLN A 8 4.06 -2.48 37.25
C GLN A 8 3.45 -2.53 35.86
N LEU A 9 3.48 -3.69 35.24
CA LEU A 9 2.89 -3.90 33.93
C LEU A 9 1.39 -4.23 34.03
N ARG A 10 0.57 -3.30 33.57
CA ARG A 10 -0.88 -3.44 33.62
C ARG A 10 -1.42 -4.22 32.39
N ILE A 11 -2.01 -5.39 32.67
CA ILE A 11 -2.64 -6.25 31.66
C ILE A 11 -4.14 -5.96 31.53
N LEU A 12 -4.51 -5.41 30.38
CA LEU A 12 -5.86 -4.94 30.07
C LEU A 12 -6.71 -6.02 29.41
N LYS A 13 -7.92 -6.20 29.91
CA LYS A 13 -8.90 -7.08 29.28
C LYS A 13 -9.46 -6.37 28.06
N GLU A 14 -9.75 -7.14 27.02
CA GLU A 14 -10.17 -6.54 25.77
C GLU A 14 -11.47 -5.73 25.96
N THR A 15 -12.37 -6.23 26.82
CA THR A 15 -13.65 -5.55 27.12
C THR A 15 -13.46 -4.14 27.68
N GLU A 16 -12.24 -3.82 28.14
CA GLU A 16 -11.91 -2.49 28.65
C GLU A 16 -11.63 -1.51 27.52
N LEU A 17 -11.46 -2.00 26.29
CA LEU A 17 -11.02 -1.17 25.18
C LEU A 17 -12.00 -1.13 24.05
N LYS A 18 -12.22 0.06 23.55
CA LYS A 18 -13.04 0.25 22.37
C LYS A 18 -12.22 0.98 21.31
N ARG A 19 -12.12 0.36 20.14
CA ARG A 19 -11.41 0.94 19.01
C ARG A 19 -12.35 1.79 18.19
N VAL A 20 -11.96 3.03 17.94
CA VAL A 20 -12.85 3.99 17.31
C VAL A 20 -12.44 4.28 15.87
N LYS A 21 -11.17 4.61 15.65
CA LYS A 21 -10.72 5.07 14.35
C LYS A 21 -9.26 4.68 14.12
N VAL A 22 -8.91 4.27 12.89
CA VAL A 22 -7.50 4.04 12.57
C VAL A 22 -6.80 5.37 12.31
N LEU A 23 -5.67 5.57 12.99
CA LEU A 23 -4.89 6.78 12.87
C LEU A 23 -3.82 6.63 11.81
N GLY A 24 -3.36 5.40 11.60
CA GLY A 24 -2.26 5.15 10.69
C GLY A 24 -2.01 3.67 10.48
N SER A 25 -1.42 3.33 9.34
CA SER A 25 -1.21 1.95 8.95
C SER A 25 -0.07 1.83 7.93
N GLY A 26 0.38 0.60 7.69
CA GLY A 26 1.44 0.32 6.72
C GLY A 26 2.28 -0.86 7.19
N ALA A 27 3.56 -0.83 6.82
CA ALA A 27 4.48 -1.93 7.10
C ALA A 27 4.73 -2.18 8.59
N PHE A 28 4.70 -1.11 9.39
CA PHE A 28 4.99 -1.19 10.83
C PHE A 28 3.85 -1.81 11.67
N GLY A 29 2.67 -1.87 11.08
CA GLY A 29 1.45 -2.23 11.81
C GLY A 29 0.44 -1.10 11.78
N THR A 30 -0.54 -1.14 12.69
CA THR A 30 -1.62 -0.14 12.70
C THR A 30 -1.92 0.47 14.08
N VAL A 31 -2.17 1.79 14.12
CA VAL A 31 -2.51 2.50 15.36
C VAL A 31 -3.95 2.99 15.35
N TYR A 32 -4.69 2.66 16.41
CA TYR A 32 -6.08 3.10 16.56
C TYR A 32 -6.24 4.21 17.59
N LYS A 33 -7.28 5.00 17.44
CA LYS A 33 -7.75 5.84 18.50
C LYS A 33 -8.89 5.19 19.24
N GLY A 34 -8.93 5.33 20.53
CA GLY A 34 -9.81 4.54 21.34
C GLY A 34 -10.22 5.18 22.62
N ILE A 35 -11.28 4.65 23.20
CA ILE A 35 -11.57 4.80 24.59
C ILE A 35 -11.10 3.64 25.43
N TRP A 36 -10.61 3.91 26.60
CA TRP A 36 -10.29 2.88 27.53
C TRP A 36 -11.06 3.18 28.74
N VAL A 37 -11.81 2.22 29.19
CA VAL A 37 -12.31 2.28 30.53
C VAL A 37 -11.66 1.27 31.43
N PRO A 38 -10.91 1.76 32.40
CA PRO A 38 -10.21 0.92 33.37
C PRO A 38 -11.17 0.09 34.22
N GLU A 39 -10.82 -1.17 34.44
CA GLU A 39 -11.54 -2.04 35.35
C GLU A 39 -11.38 -1.52 36.78
N GLY A 40 -12.46 -1.47 37.58
CA GLY A 40 -13.82 -1.35 37.08
C GLY A 40 -14.24 0.05 37.52
N GLU A 41 -13.79 1.04 36.76
CA GLU A 41 -14.08 2.45 37.03
C GLU A 41 -15.14 2.93 36.03
N THR A 42 -15.45 4.23 36.06
CA THR A 42 -16.43 4.77 35.11
C THR A 42 -15.81 5.73 34.08
N VAL A 43 -14.62 6.26 34.42
CA VAL A 43 -13.95 7.28 33.62
C VAL A 43 -13.55 6.77 32.22
N LYS A 44 -13.73 7.61 31.19
CA LYS A 44 -13.34 7.28 29.81
C LYS A 44 -12.02 7.96 29.41
N ILE A 45 -10.96 7.18 29.25
CA ILE A 45 -9.64 7.72 28.89
C ILE A 45 -9.34 7.57 27.39
N PRO A 46 -9.16 8.71 26.68
CA PRO A 46 -8.79 8.73 25.26
C PRO A 46 -7.42 8.09 25.06
N VAL A 47 -7.35 7.17 24.11
CA VAL A 47 -6.27 6.21 24.09
C VAL A 47 -5.81 5.92 22.66
N ALA A 48 -4.52 5.61 22.51
CA ALA A 48 -3.99 5.07 21.26
C ALA A 48 -3.71 3.58 21.46
N ILE A 49 -4.07 2.78 20.47
CA ILE A 49 -3.97 1.32 20.53
C ILE A 49 -3.19 0.85 19.30
N LYS A 50 -1.98 0.36 19.54
CA LYS A 50 -1.11 -0.08 18.46
C LYS A 50 -1.04 -1.61 18.38
N ILE A 51 -1.32 -2.15 17.20
CA ILE A 51 -1.17 -3.57 16.92
C ILE A 51 -0.20 -3.78 15.75
N LEU A 52 0.42 -4.94 15.69
CA LEU A 52 1.14 -5.37 14.50
C LEU A 52 0.18 -5.87 13.43
N ASN A 53 0.52 -5.62 12.17
CA ASN A 53 -0.12 -6.30 11.05
C ASN A 53 0.31 -7.75 10.93
N GLU A 54 -0.56 -8.58 10.34
CA GLU A 54 -0.56 -10.01 10.61
C GLU A 54 0.65 -10.69 9.98
N THR A 55 1.82 -10.47 10.56
CA THR A 55 3.06 -11.00 10.03
C THR A 55 4.22 -10.77 10.98
N PRO A 58 8.27 -12.92 12.83
CA PRO A 58 8.86 -14.02 13.61
C PRO A 58 9.23 -13.61 15.04
N LYS A 59 10.11 -12.62 15.16
CA LYS A 59 10.49 -12.04 16.46
C LYS A 59 9.69 -10.76 16.73
N ALA A 60 8.75 -10.44 15.84
CA ALA A 60 7.99 -9.19 15.86
C ALA A 60 7.18 -8.98 17.15
N ASN A 61 6.59 -10.08 17.62
CA ASN A 61 5.75 -10.08 18.83
C ASN A 61 6.56 -9.92 20.11
N VAL A 62 7.66 -10.65 20.17
CA VAL A 62 8.60 -10.58 21.29
C VAL A 62 9.14 -9.16 21.41
N GLU A 63 9.49 -8.55 20.28
CA GLU A 63 10.12 -7.23 20.29
C GLU A 63 9.13 -6.14 20.65
N PHE A 64 7.89 -6.31 20.20
CA PHE A 64 6.78 -5.47 20.59
C PHE A 64 6.63 -5.44 22.12
N MET A 65 6.79 -6.61 22.74
CA MET A 65 6.72 -6.71 24.20
C MET A 65 7.91 -6.02 24.86
N ASP A 66 9.10 -6.13 24.25
CA ASP A 66 10.30 -5.46 24.75
C ASP A 66 10.11 -3.96 24.75
N GLU A 67 9.50 -3.47 23.67
CA GLU A 67 9.15 -2.07 23.51
C GLU A 67 8.18 -1.66 24.61
N ALA A 68 7.23 -2.54 24.94
CA ALA A 68 6.24 -2.27 25.98
C ALA A 68 6.87 -2.15 27.35
N LEU A 69 7.87 -2.98 27.62
CA LEU A 69 8.58 -2.91 28.89
C LEU A 69 9.25 -1.54 29.07
N ILE A 70 9.87 -1.03 28.01
CA ILE A 70 10.55 0.26 28.10
C ILE A 70 9.57 1.38 28.43
N MET A 71 8.46 1.43 27.70
CA MET A 71 7.46 2.48 27.90
C MET A 71 6.79 2.36 29.28
N ALA A 72 6.82 1.18 29.89
CA ALA A 72 6.16 0.98 31.18
C ALA A 72 7.06 1.39 32.34
N SER A 73 8.35 1.53 32.06
CA SER A 73 9.39 1.72 33.09
C SER A 73 9.76 3.18 33.33
N MET A 74 9.14 4.10 32.60
CA MET A 74 9.52 5.50 32.69
C MET A 74 8.31 6.42 32.85
N ASP A 75 8.53 7.51 33.58
CA ASP A 75 7.55 8.57 33.77
C ASP A 75 8.19 9.96 33.51
N HIS A 76 8.22 10.35 32.25
CA HIS A 76 8.72 11.66 31.85
C HIS A 76 7.64 12.35 31.03
N PRO A 77 7.44 13.67 31.27
CA PRO A 77 6.46 14.46 30.51
C PRO A 77 6.68 14.43 29.00
N HIS A 78 7.89 14.10 28.56
CA HIS A 78 8.21 14.11 27.13
C HIS A 78 8.66 12.75 26.60
N LEU A 79 8.21 11.70 27.27
CA LEU A 79 8.32 10.32 26.78
C LEU A 79 6.97 9.63 26.86
N VAL A 80 6.58 8.96 25.78
CA VAL A 80 5.34 8.21 25.79
C VAL A 80 5.42 7.06 26.82
N ARG A 81 4.37 6.96 27.63
CA ARG A 81 4.27 5.96 28.67
C ARG A 81 3.20 4.91 28.33
N LEU A 82 3.49 3.63 28.57
CA LEU A 82 2.50 2.58 28.36
C LEU A 82 1.42 2.64 29.43
N LEU A 83 0.22 2.20 29.11
CA LEU A 83 -0.85 2.13 30.11
C LEU A 83 -1.05 0.76 30.81
N GLY A 84 -1.08 -0.38 30.10
CA GLY A 84 -1.42 -0.39 28.66
C GLY A 84 -1.06 -1.58 27.80
N VAL A 85 -1.15 -2.81 28.29
CA VAL A 85 -1.03 -3.93 27.36
C VAL A 85 -2.21 -4.91 27.33
N CYS A 86 -2.74 -5.12 26.13
CA CYS A 86 -3.82 -6.08 25.94
C CYS A 86 -3.36 -7.19 25.01
N LEU A 87 -3.82 -8.41 25.31
CA LEU A 87 -3.34 -9.62 24.62
C LEU A 87 -4.29 -10.24 23.60
N SER A 88 -5.60 -10.15 23.81
CA SER A 88 -6.55 -10.71 22.84
C SER A 88 -7.17 -9.66 21.93
N PRO A 89 -7.30 -9.97 20.62
CA PRO A 89 -6.93 -11.25 19.98
C PRO A 89 -5.47 -11.33 19.54
N THR A 90 -4.80 -10.19 19.49
CA THR A 90 -3.35 -10.11 19.26
C THR A 90 -2.81 -9.11 20.27
N ILE A 91 -1.48 -9.01 20.36
CA ILE A 91 -0.86 -8.02 21.23
C ILE A 91 -1.26 -6.61 20.79
N GLN A 92 -1.58 -5.77 21.77
CA GLN A 92 -1.83 -4.36 21.51
C GLN A 92 -1.30 -3.49 22.65
N LEU A 93 -0.47 -2.51 22.30
CA LEU A 93 0.08 -1.53 23.23
C LEU A 93 -0.86 -0.34 23.35
N VAL A 94 -1.21 0.01 24.57
CA VAL A 94 -2.17 1.06 24.84
C VAL A 94 -1.48 2.22 25.55
N THR A 95 -1.50 3.39 24.93
CA THR A 95 -0.88 4.58 25.47
C THR A 95 -1.88 5.73 25.48
N GLN A 96 -1.62 6.74 26.31
CA GLN A 96 -2.48 7.91 26.35
C GLN A 96 -2.53 8.54 24.95
N LEU A 97 -3.72 8.90 24.48
CA LEU A 97 -3.86 9.46 23.15
C LEU A 97 -3.12 10.78 23.00
N MET A 98 -2.33 10.89 21.94
CA MET A 98 -1.73 12.16 21.51
C MET A 98 -2.57 12.75 20.36
N PRO A 99 -3.50 13.68 20.70
CA PRO A 99 -4.50 14.16 19.75
C PRO A 99 -3.94 14.69 18.42
N HIS A 100 -2.83 15.42 18.47
CA HIS A 100 -2.35 16.12 17.27
C HIS A 100 -1.36 15.33 16.39
N GLY A 101 -1.30 14.01 16.58
CA GLY A 101 -0.41 13.14 15.78
C GLY A 101 1.09 13.39 15.91
N CYS A 102 1.85 12.99 14.90
CA CYS A 102 3.30 13.10 14.93
C CYS A 102 3.77 14.51 14.54
N LEU A 103 4.90 14.92 15.13
CA LEU A 103 5.38 16.29 14.99
C LEU A 103 5.74 16.69 13.55
N LEU A 104 6.36 15.76 12.81
CA LEU A 104 6.72 15.92 11.39
C LEU A 104 5.56 16.40 10.50
N GLU A 105 4.42 15.73 10.61
CA GLU A 105 3.21 16.15 9.87
C GLU A 105 2.62 17.45 10.42
N TYR A 106 2.62 17.58 11.74
CA TYR A 106 2.18 18.79 12.42
C TYR A 106 2.88 20.05 11.88
N VAL A 107 4.22 20.00 11.75
CA VAL A 107 4.96 21.18 11.25
C VAL A 107 4.75 21.44 9.78
N HIS A 108 4.39 20.40 9.03
CA HIS A 108 4.00 20.56 7.63
C HIS A 108 2.66 21.27 7.51
N GLU A 109 1.66 20.74 8.20
CA GLU A 109 0.29 21.26 8.09
C GLU A 109 0.23 22.73 8.49
N HIS A 110 0.90 23.07 9.58
CA HIS A 110 0.66 24.34 10.27
C HIS A 110 1.80 25.33 10.02
N LYS A 111 2.56 25.08 8.96
CA LYS A 111 3.81 25.83 8.72
C LYS A 111 3.66 27.34 8.75
N ASP A 112 2.51 27.83 8.27
CA ASP A 112 2.24 29.28 8.22
C ASP A 112 1.84 29.82 9.59
N ASN A 113 1.71 28.92 10.55
CA ASN A 113 1.10 29.22 11.83
C ASN A 113 2.07 29.01 12.99
N ILE A 114 3.23 28.42 12.70
CA ILE A 114 4.19 28.09 13.75
C ILE A 114 5.25 29.18 13.91
N GLY A 115 5.42 29.63 15.15
CA GLY A 115 6.42 30.66 15.44
C GLY A 115 7.72 30.11 16.01
N SER A 116 8.64 31.01 16.31
CA SER A 116 9.94 30.64 16.87
C SER A 116 9.81 30.10 18.28
N GLN A 117 8.82 30.59 19.04
CA GLN A 117 8.62 30.15 20.42
C GLN A 117 8.34 28.66 20.52
N LEU A 118 7.45 28.15 19.66
CA LEU A 118 7.11 26.74 19.64
C LEU A 118 8.26 25.89 19.12
N LEU A 119 8.92 26.35 18.05
CA LEU A 119 10.00 25.60 17.45
C LEU A 119 11.15 25.43 18.44
N LEU A 120 11.53 26.51 19.12
CA LEU A 120 12.57 26.42 20.14
C LEU A 120 12.15 25.56 21.33
N ASN A 121 10.90 25.70 21.76
CA ASN A 121 10.37 24.91 22.87
C ASN A 121 10.43 23.42 22.56
N TRP A 122 10.17 23.06 21.30
CA TRP A 122 10.22 21.65 20.89
C TRP A 122 11.63 21.13 20.98
N CYS A 123 12.59 21.96 20.61
CA CYS A 123 14.00 21.63 20.81
C CYS A 123 14.27 21.35 22.28
N VAL A 124 13.68 22.14 23.18
CA VAL A 124 13.93 21.98 24.61
C VAL A 124 13.35 20.64 25.10
N GLN A 125 12.09 20.39 24.79
CA GLN A 125 11.37 19.23 25.30
C GLN A 125 11.99 17.93 24.77
N ILE A 126 12.28 17.88 23.48
CA ILE A 126 12.90 16.70 22.89
C ILE A 126 14.24 16.42 23.56
N ALA A 127 15.04 17.48 23.72
CA ALA A 127 16.32 17.32 24.41
C ALA A 127 16.09 16.88 25.85
N LYS A 128 15.06 17.43 26.49
CA LYS A 128 14.71 17.05 27.86
C LYS A 128 14.34 15.57 28.00
N GLY A 129 13.58 15.06 27.05
CA GLY A 129 13.23 13.64 27.01
C GLY A 129 14.46 12.77 26.84
N MET A 130 15.31 13.17 25.88
CA MET A 130 16.53 12.42 25.58
C MET A 130 17.43 12.39 26.80
N MET A 131 17.45 13.50 27.53
CA MET A 131 18.23 13.64 28.77
C MET A 131 17.89 12.50 29.74
N TYR A 132 16.59 12.28 29.95
CA TYR A 132 16.12 11.25 30.86
C TYR A 132 16.50 9.86 30.36
N LEU A 133 16.46 9.68 29.04
CA LEU A 133 16.88 8.42 28.42
C LEU A 133 18.35 8.12 28.73
N GLU A 134 19.19 9.15 28.72
CA GLU A 134 20.60 8.99 29.09
C GLU A 134 20.73 8.51 30.51
N GLU A 135 20.04 9.17 31.43
CA GLU A 135 20.10 8.78 32.84
C GLU A 135 19.67 7.33 33.04
N ARG A 136 18.75 6.84 32.22
CA ARG A 136 18.35 5.42 32.24
C ARG A 136 19.23 4.54 31.34
N ARG A 137 20.25 5.14 30.74
CA ARG A 137 21.22 4.42 29.89
C ARG A 137 20.59 3.79 28.65
N LEU A 138 19.48 4.38 28.19
CA LEU A 138 18.80 3.88 26.99
C LEU A 138 19.16 4.69 25.74
N VAL A 139 19.60 3.98 24.71
CA VAL A 139 19.90 4.56 23.42
C VAL A 139 18.70 4.29 22.53
N HIS A 140 18.14 5.37 21.99
CA HIS A 140 16.93 5.29 21.18
C HIS A 140 17.18 4.59 19.85
N ARG A 141 18.28 4.96 19.19
CA ARG A 141 18.71 4.44 17.87
C ARG A 141 17.87 4.88 16.66
N ASP A 142 16.72 5.48 16.88
CA ASP A 142 15.83 5.82 15.78
C ASP A 142 15.10 7.17 15.99
N LEU A 143 15.79 8.14 16.59
CA LEU A 143 15.22 9.44 16.84
C LEU A 143 15.00 10.20 15.54
N ALA A 144 13.79 10.76 15.37
CA ALA A 144 13.41 11.55 14.19
C ALA A 144 12.06 12.23 14.43
N ALA A 145 11.81 13.30 13.69
CA ALA A 145 10.57 14.07 13.88
C ALA A 145 9.31 13.21 13.71
N ARG A 146 9.40 12.14 12.92
CA ARG A 146 8.28 11.21 12.75
C ARG A 146 8.02 10.38 14.02
N ASN A 147 8.97 10.37 14.94
CA ASN A 147 8.85 9.65 16.21
C ASN A 147 8.71 10.59 17.42
N VAL A 148 8.22 11.80 17.16
CA VAL A 148 7.85 12.75 18.20
C VAL A 148 6.37 13.03 18.00
N LEU A 149 5.59 12.91 19.07
CA LEU A 149 4.13 13.10 18.98
C LEU A 149 3.71 14.36 19.72
N VAL A 150 2.55 14.88 19.36
CA VAL A 150 2.09 16.18 19.82
C VAL A 150 0.82 16.02 20.62
N LYS A 151 0.92 16.28 21.92
CA LYS A 151 -0.21 16.17 22.85
C LYS A 151 -1.05 17.42 22.69
N SER A 152 -0.36 18.55 22.58
CA SER A 152 -0.95 19.85 22.34
C SER A 152 0.18 20.72 21.79
N PRO A 153 -0.15 21.89 21.21
CA PRO A 153 0.87 22.70 20.54
C PRO A 153 2.21 22.81 21.30
N ASN A 154 2.16 23.06 22.60
CA ASN A 154 3.37 23.29 23.39
C ASN A 154 3.76 22.13 24.30
N HIS A 155 3.42 20.91 23.88
CA HIS A 155 3.76 19.70 24.63
C HIS A 155 3.92 18.50 23.70
N VAL A 156 5.18 18.12 23.48
CA VAL A 156 5.51 16.96 22.65
C VAL A 156 6.17 15.84 23.45
N LYS A 157 6.13 14.61 22.90
CA LYS A 157 6.71 13.42 23.53
C LYS A 157 7.43 12.54 22.52
N ILE A 158 8.59 12.01 22.92
CA ILE A 158 9.32 11.05 22.09
C ILE A 158 8.68 9.66 22.23
N THR A 159 8.59 8.93 21.10
CA THR A 159 8.00 7.59 21.11
C THR A 159 8.84 6.62 20.27
N ASP A 160 8.24 5.49 19.89
CA ASP A 160 8.85 4.50 18.99
C ASP A 160 10.16 3.94 19.54
N PHE A 161 10.05 3.23 20.65
CA PHE A 161 11.21 2.70 21.35
C PHE A 161 11.54 1.28 20.91
N GLY A 162 10.94 0.84 19.80
CA GLY A 162 11.13 -0.51 19.28
C GLY A 162 12.56 -0.92 18.98
N LEU A 163 13.41 0.04 18.65
CA LEU A 163 14.82 -0.27 18.40
C LEU A 163 15.74 0.19 19.53
N ALA A 164 15.12 0.61 20.64
CA ALA A 164 15.85 1.15 21.77
C ALA A 164 16.54 0.07 22.59
N ARG A 165 17.78 0.35 23.00
CA ARG A 165 18.62 -0.65 23.64
C ARG A 165 19.18 -0.16 24.95
N LEU A 166 19.18 -1.00 25.96
CA LEU A 166 19.65 -0.59 27.26
C LEU A 166 21.10 -0.99 27.55
N LEU A 167 22.00 -0.03 27.60
CA LEU A 167 23.41 -0.20 27.91
C LEU A 167 23.59 -0.73 29.33
N GLU A 168 24.45 -1.74 29.48
CA GLU A 168 24.72 -2.33 30.80
C GLU A 168 26.18 -2.37 31.23
N GLY A 169 26.41 -2.34 32.54
CA GLY A 169 27.74 -2.42 33.14
C GLY A 169 28.70 -1.39 32.57
N ASP A 170 29.82 -1.86 32.04
CA ASP A 170 30.86 -0.99 31.48
C ASP A 170 30.53 -0.49 30.08
N GLU A 171 29.61 -1.18 29.41
CA GLU A 171 29.24 -0.86 28.03
C GLU A 171 29.01 0.62 27.83
N LYS A 172 29.70 1.19 26.85
CA LYS A 172 29.46 2.58 26.46
C LYS A 172 28.84 2.69 25.05
N GLU A 173 28.84 1.58 24.30
CA GLU A 173 28.14 1.51 23.03
C GLU A 173 27.24 0.27 22.90
N TYR A 174 26.29 0.32 21.96
CA TYR A 174 25.51 -0.84 21.57
C TYR A 174 25.84 -1.20 20.13
N ASN A 175 25.95 -2.51 19.86
CA ASN A 175 26.32 -3.03 18.53
C ASN A 175 25.28 -3.97 17.90
N ALA A 176 24.83 -3.62 16.71
CA ALA A 176 23.91 -4.45 15.92
C ALA A 176 23.98 -4.05 14.45
N GLY A 179 18.93 -3.55 13.39
CA GLY A 179 17.63 -3.08 12.94
C GLY A 179 17.65 -2.20 11.69
N LYS A 180 16.54 -1.51 11.43
CA LYS A 180 16.34 -0.77 10.16
C LYS A 180 15.96 0.73 10.27
N MET A 181 16.53 1.43 11.25
CA MET A 181 16.42 2.88 11.31
C MET A 181 17.05 3.49 10.05
N PRO A 182 16.45 4.54 9.49
CA PRO A 182 16.88 5.10 8.21
C PRO A 182 18.23 5.83 8.27
N ILE A 183 19.05 5.59 7.25
CA ILE A 183 20.44 5.99 7.24
C ILE A 183 20.61 7.51 7.24
N LYS A 184 19.58 8.23 6.77
CA LYS A 184 19.65 9.68 6.65
C LYS A 184 19.56 10.37 8.01
N TRP A 185 19.23 9.60 9.04
CA TRP A 185 19.12 10.13 10.41
C TRP A 185 20.18 9.50 11.33
N MET A 186 21.01 8.61 10.81
CA MET A 186 21.98 7.97 11.70
C MET A 186 23.39 8.57 11.63
N ALA A 187 24.10 8.48 12.74
CA ALA A 187 25.43 9.08 12.86
C ALA A 187 26.39 8.32 11.97
N LEU A 188 27.34 9.05 11.39
CA LEU A 188 28.36 8.43 10.53
C LEU A 188 29.00 7.18 11.13
N GLU A 189 29.32 7.21 12.42
CA GLU A 189 29.95 6.05 13.08
C GLU A 189 28.99 4.85 13.25
N CYS A 190 27.68 5.11 13.22
CA CYS A 190 26.70 4.03 13.20
C CYS A 190 26.64 3.38 11.84
N ILE A 191 26.57 4.19 10.80
CA ILE A 191 26.67 3.68 9.44
C ILE A 191 27.88 2.74 9.27
N HIS A 192 29.06 3.18 9.71
CA HIS A 192 30.32 2.45 9.47
C HIS A 192 30.62 1.29 10.42
N TYR A 193 30.35 1.50 11.71
CA TYR A 193 30.76 0.54 12.74
C TYR A 193 29.61 0.04 13.58
N ARG A 194 28.40 0.51 13.26
CA ARG A 194 27.20 0.14 14.04
C ARG A 194 27.42 0.48 15.54
N LYS A 195 27.94 1.68 15.79
CA LYS A 195 28.38 2.08 17.12
C LYS A 195 27.35 3.02 17.71
N PHE A 196 26.34 2.46 18.36
CA PHE A 196 25.24 3.27 18.84
C PHE A 196 25.49 3.71 20.29
N THR A 197 25.46 5.03 20.50
CA THR A 197 25.63 5.61 21.84
C THR A 197 24.65 6.77 21.99
N HIS A 198 24.57 7.32 23.20
CA HIS A 198 23.83 8.55 23.43
C HIS A 198 24.33 9.66 22.50
N GLN A 199 25.63 9.60 22.18
CA GLN A 199 26.24 10.59 21.29
C GLN A 199 25.83 10.45 19.83
N SER A 200 25.49 9.23 19.39
CA SER A 200 24.96 9.02 18.04
C SER A 200 23.51 9.51 17.97
N ASP A 201 22.77 9.29 19.05
CA ASP A 201 21.44 9.86 19.23
C ASP A 201 21.49 11.38 19.08
N VAL A 202 22.54 12.01 19.65
CA VAL A 202 22.71 13.45 19.52
C VAL A 202 22.75 13.88 18.05
N TRP A 203 23.43 13.11 17.22
CA TRP A 203 23.43 13.35 15.78
C TRP A 203 22.02 13.35 15.24
N SER A 204 21.27 12.30 15.57
CA SER A 204 19.88 12.16 15.13
C SER A 204 19.03 13.36 15.54
N TYR A 205 19.27 13.84 16.76
CA TYR A 205 18.62 15.04 17.26
C TYR A 205 18.89 16.23 16.34
N GLY A 206 20.15 16.41 15.95
CA GLY A 206 20.51 17.41 14.95
C GLY A 206 19.58 17.36 13.74
N VAL A 207 19.43 16.16 13.17
CA VAL A 207 18.63 15.97 11.96
C VAL A 207 17.14 16.24 12.27
N THR A 208 16.71 15.78 13.44
CA THR A 208 15.36 15.98 13.90
C THR A 208 14.99 17.46 13.96
N ILE A 209 15.76 18.25 14.70
CA ILE A 209 15.43 19.67 14.84
C ILE A 209 15.53 20.41 13.49
N TRP A 210 16.40 19.91 12.60
CA TRP A 210 16.50 20.39 11.23
C TRP A 210 15.21 20.12 10.43
N GLU A 211 14.51 19.03 10.76
CA GLU A 211 13.23 18.72 10.12
C GLU A 211 12.23 19.79 10.54
N LEU A 212 12.35 20.23 11.79
CA LEU A 212 11.45 21.24 12.33
C LEU A 212 11.70 22.59 11.70
N MET A 213 12.96 23.05 11.69
CA MET A 213 13.27 24.39 11.19
C MET A 213 12.97 24.56 9.70
N THR A 214 12.80 23.44 9.01
CA THR A 214 12.46 23.43 7.58
C THR A 214 11.00 23.10 7.37
N PHE A 215 10.24 23.05 8.46
CA PHE A 215 8.80 22.79 8.43
C PHE A 215 8.48 21.47 7.72
N GLY A 216 9.21 20.45 8.14
CA GLY A 216 9.00 19.09 7.64
C GLY A 216 9.82 18.84 6.40
N GLY A 217 11.02 19.39 6.34
CA GLY A 217 11.92 19.15 5.23
C GLY A 217 12.40 17.70 5.22
N LYS A 218 12.64 17.20 4.04
CA LYS A 218 13.22 15.90 3.85
C LYS A 218 14.68 15.95 3.71
N PRO A 219 15.44 15.38 4.60
CA PRO A 219 16.86 15.60 4.55
C PRO A 219 17.57 14.99 3.38
N TYR A 220 18.58 15.65 2.89
CA TYR A 220 19.23 15.28 1.70
C TYR A 220 18.24 14.70 0.68
N ASP A 221 17.33 15.53 0.23
CA ASP A 221 16.18 15.14 -0.52
C ASP A 221 16.53 14.87 -1.99
N GLY A 222 16.17 13.70 -2.45
CA GLY A 222 16.50 13.24 -3.77
C GLY A 222 17.85 12.60 -3.96
N ILE A 223 18.60 12.50 -2.92
CA ILE A 223 19.88 11.78 -2.96
C ILE A 223 19.68 10.34 -2.46
N PRO A 224 20.02 9.34 -3.29
CA PRO A 224 19.88 7.94 -2.90
C PRO A 224 20.65 7.58 -1.63
N THR A 225 20.04 6.76 -0.78
CA THR A 225 20.66 6.26 0.45
C THR A 225 22.09 5.74 0.21
N ARG A 226 22.29 5.07 -0.92
CA ARG A 226 23.61 4.57 -1.35
C ARG A 226 24.74 5.61 -1.32
N GLU A 227 24.40 6.84 -1.72
CA GLU A 227 25.34 7.97 -1.84
C GLU A 227 25.65 8.70 -0.52
N ILE A 228 24.86 8.42 0.51
CA ILE A 228 24.93 9.16 1.77
C ILE A 228 26.24 8.99 2.57
N PRO A 229 26.76 7.81 2.67
CA PRO A 229 27.94 7.60 3.45
C PRO A 229 29.09 8.39 2.92
N ASP A 230 29.13 8.52 1.59
CA ASP A 230 30.23 9.21 0.92
C ASP A 230 30.06 10.72 1.00
N LEU A 231 28.83 11.19 0.85
CA LEU A 231 28.49 12.59 1.11
C LEU A 231 29.04 13.03 2.47
N LEU A 232 28.87 12.18 3.48
CA LEU A 232 29.14 12.57 4.85
C LEU A 232 30.62 12.38 5.20
N GLU A 233 31.27 11.45 4.49
CA GLU A 233 32.67 11.30 4.58
C GLU A 233 33.38 12.53 4.09
N LYS A 234 32.89 13.10 3.00
CA LYS A 234 33.50 14.29 2.39
C LYS A 234 33.34 15.54 3.25
N GLY A 235 32.47 15.45 4.26
CA GLY A 235 32.20 16.56 5.18
C GLY A 235 30.94 17.34 4.90
N GLU A 236 30.20 16.96 3.85
CA GLU A 236 28.94 17.61 3.57
C GLU A 236 27.91 17.36 4.68
N ARG A 237 27.15 18.39 5.01
CA ARG A 237 26.10 18.30 6.01
C ARG A 237 24.83 18.98 5.49
N LEU A 238 23.75 18.85 6.26
CA LEU A 238 22.49 19.50 5.93
C LEU A 238 22.62 21.04 5.90
N PRO A 239 21.95 21.72 4.92
CA PRO A 239 22.07 23.17 4.77
C PRO A 239 21.46 23.97 5.92
N GLN A 240 21.77 25.27 5.96
CA GLN A 240 21.19 26.18 6.92
C GLN A 240 19.75 26.52 6.52
N PRO A 241 18.76 26.09 7.34
CA PRO A 241 17.38 26.45 7.04
C PRO A 241 17.25 27.96 6.99
N PRO A 242 16.42 28.48 6.05
CA PRO A 242 16.26 29.92 5.81
C PRO A 242 15.86 30.74 7.03
N ILE A 243 15.19 30.13 8.00
CA ILE A 243 14.82 30.84 9.23
C ILE A 243 15.92 30.85 10.30
N CYS A 244 16.94 30.00 10.12
CA CYS A 244 17.94 29.82 11.17
C CYS A 244 19.03 30.88 11.19
N THR A 245 19.17 31.54 12.34
CA THR A 245 20.36 32.33 12.59
C THR A 245 21.51 31.35 12.67
N ILE A 246 22.72 31.89 12.52
CA ILE A 246 23.93 31.08 12.63
C ILE A 246 24.06 30.44 14.03
N ASP A 247 23.54 31.10 15.06
CA ASP A 247 23.49 30.54 16.41
C ASP A 247 22.79 29.19 16.43
N VAL A 248 21.65 29.10 15.76
CA VAL A 248 20.87 27.87 15.78
C VAL A 248 21.49 26.79 14.91
N TYR A 249 21.99 27.18 13.73
CA TYR A 249 22.58 26.23 12.80
C TYR A 249 23.86 25.62 13.35
N MET A 250 24.68 26.46 13.98
CA MET A 250 25.89 26.01 14.65
C MET A 250 25.59 24.84 15.60
N VAL A 251 24.53 24.96 16.39
CA VAL A 251 24.15 23.87 17.29
C VAL A 251 23.93 22.58 16.50
N MET A 252 23.21 22.68 15.37
CA MET A 252 22.93 21.55 14.49
C MET A 252 24.25 20.94 13.98
N VAL A 253 25.17 21.81 13.57
CA VAL A 253 26.45 21.38 13.05
C VAL A 253 27.35 20.76 14.13
N LYS A 254 27.18 21.19 15.38
CA LYS A 254 27.96 20.61 16.46
C LYS A 254 27.56 19.15 16.69
N CYS A 255 26.28 18.85 16.45
CA CYS A 255 25.74 17.49 16.58
C CYS A 255 26.23 16.54 15.48
N TRP A 256 26.66 17.11 14.35
CA TRP A 256 27.15 16.31 13.21
C TRP A 256 28.65 16.26 13.04
N MET A 257 29.39 16.57 14.11
CA MET A 257 30.85 16.46 14.10
C MET A 257 31.28 14.99 14.15
N ILE A 258 32.42 14.71 13.60
CA ILE A 258 32.97 13.40 13.58
C ILE A 258 33.26 12.80 14.92
N ASP A 259 33.91 13.52 15.81
CA ASP A 259 34.11 12.99 17.11
C ASP A 259 32.87 12.99 17.96
N ALA A 260 32.25 11.84 18.08
CA ALA A 260 31.08 11.66 18.86
C ALA A 260 31.11 12.18 20.26
N ASP A 261 32.17 11.88 20.97
CA ASP A 261 32.36 12.39 22.30
C ASP A 261 32.45 13.89 22.47
N SER A 262 32.91 14.59 21.47
CA SER A 262 32.98 16.02 21.55
C SER A 262 31.68 16.70 21.24
N ARG A 263 30.73 15.96 20.71
CA ARG A 263 29.39 16.49 20.43
C ARG A 263 28.72 17.03 21.71
N PRO A 264 27.86 18.05 21.57
CA PRO A 264 27.17 18.52 22.76
C PRO A 264 26.31 17.41 23.35
N LYS A 265 26.05 17.46 24.64
CA LYS A 265 25.24 16.45 25.31
C LYS A 265 23.80 16.93 25.36
N PHE A 266 22.87 15.99 25.53
CA PHE A 266 21.46 16.35 25.72
C PHE A 266 21.22 17.37 26.85
N LYS A 267 21.92 17.17 27.98
CA LYS A 267 21.92 18.13 29.07
C LYS A 267 22.30 19.53 28.58
N GLU A 268 23.35 19.61 27.76
CA GLU A 268 23.82 20.91 27.28
C GLU A 268 22.87 21.51 26.24
N LEU A 269 22.31 20.65 25.39
CA LEU A 269 21.39 21.09 24.34
C LEU A 269 20.09 21.62 24.92
N ALA A 270 19.62 20.99 25.98
CA ALA A 270 18.44 21.47 26.71
C ALA A 270 18.67 22.86 27.31
N ALA A 271 19.82 23.07 27.95
CA ALA A 271 20.13 24.35 28.57
C ALA A 271 20.29 25.45 27.55
N GLU A 272 20.88 25.11 26.42
CA GLU A 272 21.18 26.06 25.36
C GLU A 272 19.93 26.55 24.65
N PHE A 273 19.06 25.62 24.25
CA PHE A 273 17.81 26.00 23.60
C PHE A 273 16.87 26.68 24.60
N SER A 274 17.06 26.39 25.89
CA SER A 274 16.35 27.11 26.95
C SER A 274 16.75 28.57 26.98
N ARG A 275 18.03 28.85 26.75
CA ARG A 275 18.53 30.22 26.78
C ARG A 275 17.92 30.98 25.60
N MET A 276 17.86 30.32 24.45
CA MET A 276 17.29 30.89 23.24
C MET A 276 15.78 31.10 23.36
N ALA A 277 15.09 30.10 23.93
CA ALA A 277 13.66 30.16 24.22
C ALA A 277 13.21 31.44 24.94
N ARG A 278 14.10 32.07 25.69
CA ARG A 278 13.74 33.28 26.43
C ARG A 278 13.63 34.52 25.53
N ASP A 279 14.29 34.50 24.37
CA ASP A 279 14.17 35.55 23.34
C ASP A 279 14.17 34.90 21.96
N PRO A 280 13.04 34.39 21.52
CA PRO A 280 13.00 33.52 20.39
C PRO A 280 13.26 34.14 19.06
N GLN A 281 13.02 35.42 18.90
CA GLN A 281 12.91 36.01 17.59
C GLN A 281 14.26 36.58 17.29
N ARG A 282 15.07 36.63 18.33
CA ARG A 282 16.51 36.59 18.23
C ARG A 282 17.19 35.49 17.50
N TYR A 283 16.57 34.33 17.41
CA TYR A 283 17.26 33.12 17.08
C TYR A 283 16.64 32.39 15.91
N LEU A 284 15.34 32.56 15.71
CA LEU A 284 14.71 32.11 14.47
C LEU A 284 13.99 33.29 13.85
N VAL A 285 14.10 33.42 12.53
CA VAL A 285 13.56 34.57 11.82
C VAL A 285 12.42 34.10 10.89
N ILE A 286 11.19 34.20 11.41
CA ILE A 286 10.01 33.72 10.69
C ILE A 286 9.05 34.85 10.35
N GLN A 287 8.60 34.87 9.10
CA GLN A 287 7.60 35.82 8.63
C GLN A 287 6.33 35.88 9.50
N GLY A 288 6.07 37.06 10.07
CA GLY A 288 4.79 37.37 10.76
C GLY A 288 4.76 37.09 12.25
N ASP A 289 5.92 37.14 12.90
CA ASP A 289 6.09 36.56 14.23
C ASP A 289 6.73 37.49 15.28
N ASP A 290 5.95 37.80 16.32
CA ASP A 290 6.47 38.17 17.68
C ASP A 290 5.31 38.27 18.69
N THR B 2 -19.90 -23.90 -18.38
CA THR B 2 -19.35 -23.55 -17.04
C THR B 2 -18.58 -24.73 -16.43
N ALA B 3 -17.60 -24.43 -15.57
CA ALA B 3 -16.68 -25.43 -15.03
C ALA B 3 -17.37 -26.57 -14.22
N PRO B 4 -16.76 -27.79 -14.22
CA PRO B 4 -17.35 -28.89 -13.43
C PRO B 4 -17.24 -28.63 -11.93
N ASN B 5 -18.33 -28.84 -11.20
CA ASN B 5 -18.34 -28.62 -9.77
C ASN B 5 -17.84 -29.85 -8.99
N GLN B 6 -16.55 -29.84 -8.67
CA GLN B 6 -15.86 -31.04 -8.21
C GLN B 6 -15.72 -31.11 -6.70
N ALA B 7 -16.49 -30.29 -6.01
CA ALA B 7 -16.48 -30.28 -4.56
C ALA B 7 -16.78 -31.68 -4.03
N GLN B 8 -16.30 -31.95 -2.82
CA GLN B 8 -16.48 -33.26 -2.17
C GLN B 8 -17.50 -33.16 -1.05
N LEU B 9 -18.51 -34.01 -1.08
CA LEU B 9 -19.55 -33.98 -0.07
C LEU B 9 -19.17 -34.95 1.04
N ARG B 10 -19.02 -34.44 2.26
CA ARG B 10 -18.69 -35.29 3.38
C ARG B 10 -19.95 -35.83 4.08
N ILE B 11 -20.02 -37.16 4.16
CA ILE B 11 -21.08 -37.86 4.86
C ILE B 11 -20.59 -38.10 6.27
N LEU B 12 -21.33 -37.58 7.26
CA LEU B 12 -20.97 -37.77 8.67
C LEU B 12 -21.78 -38.87 9.30
N LYS B 13 -21.11 -39.79 9.97
CA LYS B 13 -21.77 -40.82 10.79
C LYS B 13 -22.43 -40.19 12.01
N GLU B 14 -23.47 -40.83 12.54
CA GLU B 14 -24.19 -40.23 13.65
C GLU B 14 -23.35 -40.22 14.93
N THR B 15 -22.49 -41.22 15.07
CA THR B 15 -21.61 -41.35 16.23
C THR B 15 -20.74 -40.14 16.43
N GLU B 16 -20.41 -39.46 15.34
CA GLU B 16 -19.47 -38.34 15.43
C GLU B 16 -20.09 -36.98 15.78
N LEU B 17 -21.38 -36.96 16.07
CA LEU B 17 -22.09 -35.72 16.39
C LEU B 17 -22.83 -35.77 17.72
N LYS B 18 -22.74 -34.71 18.51
CA LYS B 18 -23.42 -34.62 19.80
C LYS B 18 -24.16 -33.29 19.87
N ARG B 19 -25.45 -33.33 20.18
CA ARG B 19 -26.23 -32.10 20.29
C ARG B 19 -26.19 -31.55 21.71
N VAL B 20 -25.79 -30.29 21.85
CA VAL B 20 -25.67 -29.65 23.16
C VAL B 20 -26.96 -28.95 23.58
N LYS B 21 -27.43 -27.99 22.80
CA LYS B 21 -28.64 -27.21 23.13
C LYS B 21 -29.26 -26.64 21.87
N VAL B 22 -30.51 -26.17 21.93
CA VAL B 22 -31.07 -25.54 20.73
C VAL B 22 -30.66 -24.07 20.68
N LEU B 23 -30.31 -23.61 19.48
CA LEU B 23 -29.95 -22.22 19.24
C LEU B 23 -31.14 -21.44 18.73
N GLY B 24 -31.96 -22.10 17.90
CA GLY B 24 -33.15 -21.45 17.36
C GLY B 24 -34.11 -22.48 16.80
N SER B 25 -35.40 -22.15 16.83
CA SER B 25 -36.44 -23.00 16.24
C SER B 25 -37.70 -22.26 15.82
N GLY B 26 -38.58 -22.99 15.15
CA GLY B 26 -39.79 -22.43 14.54
C GLY B 26 -40.16 -23.22 13.30
N ALA B 27 -40.98 -22.62 12.46
CA ALA B 27 -41.50 -23.27 11.26
C ALA B 27 -40.41 -23.68 10.25
N PHE B 28 -39.21 -23.10 10.42
CA PHE B 28 -38.09 -23.39 9.52
C PHE B 28 -37.33 -24.67 9.88
N GLY B 29 -37.59 -25.18 11.09
CA GLY B 29 -36.82 -26.29 11.64
C GLY B 29 -36.15 -25.90 12.94
N THR B 30 -35.04 -26.60 13.25
CA THR B 30 -34.29 -26.38 14.48
C THR B 30 -32.80 -26.35 14.22
N VAL B 31 -32.11 -25.43 14.89
CA VAL B 31 -30.66 -25.40 14.87
C VAL B 31 -30.09 -25.73 16.26
N TYR B 32 -29.31 -26.80 16.33
CA TYR B 32 -28.62 -27.16 17.58
C TYR B 32 -27.20 -26.64 17.55
N LYS B 33 -26.71 -26.19 18.71
CA LYS B 33 -25.27 -26.08 18.93
C LYS B 33 -24.78 -27.48 19.31
N GLY B 34 -23.68 -27.90 18.70
CA GLY B 34 -23.13 -29.21 19.00
C GLY B 34 -21.62 -29.36 18.87
N ILE B 35 -21.18 -30.59 19.00
CA ILE B 35 -19.78 -30.95 18.81
C ILE B 35 -19.67 -32.03 17.73
N TRP B 36 -18.70 -31.83 16.82
CA TRP B 36 -18.33 -32.81 15.82
C TRP B 36 -16.95 -33.32 16.16
N VAL B 37 -16.81 -34.63 16.26
CA VAL B 37 -15.50 -35.25 16.39
C VAL B 37 -15.27 -36.04 15.11
N PRO B 38 -14.49 -35.47 14.18
CA PRO B 38 -14.25 -36.13 12.89
C PRO B 38 -13.75 -37.56 13.09
N GLU B 39 -14.22 -38.46 12.22
CA GLU B 39 -13.90 -39.88 12.32
C GLU B 39 -12.40 -40.10 12.43
N GLY B 40 -12.00 -40.92 13.40
CA GLY B 40 -10.59 -41.29 13.60
C GLY B 40 -9.74 -40.19 14.20
N GLU B 41 -10.32 -39.00 14.36
CA GLU B 41 -9.65 -37.86 14.96
C GLU B 41 -10.14 -37.72 16.39
N THR B 42 -9.47 -36.89 17.18
CA THR B 42 -9.78 -36.75 18.60
C THR B 42 -10.30 -35.34 18.97
N VAL B 43 -9.98 -34.36 18.13
CA VAL B 43 -10.38 -32.97 18.35
C VAL B 43 -11.90 -32.72 18.34
N LYS B 44 -12.36 -31.90 19.28
CA LYS B 44 -13.76 -31.47 19.31
C LYS B 44 -13.96 -30.18 18.54
N ILE B 45 -14.86 -30.21 17.56
CA ILE B 45 -15.16 -29.01 16.75
C ILE B 45 -16.56 -28.47 17.08
N PRO B 46 -16.64 -27.23 17.61
CA PRO B 46 -17.94 -26.60 17.85
C PRO B 46 -18.64 -26.34 16.53
N VAL B 47 -19.91 -26.71 16.49
CA VAL B 47 -20.60 -26.90 15.24
C VAL B 47 -22.07 -26.47 15.35
N ALA B 48 -22.70 -26.16 14.23
CA ALA B 48 -24.15 -25.96 14.20
C ALA B 48 -24.81 -27.06 13.38
N ILE B 49 -25.88 -27.62 13.94
CA ILE B 49 -26.57 -28.77 13.36
C ILE B 49 -28.02 -28.40 13.08
N LYS B 50 -28.36 -28.25 11.80
CA LYS B 50 -29.71 -27.87 11.40
C LYS B 50 -30.53 -29.05 10.89
N ILE B 51 -31.75 -29.16 11.40
CA ILE B 51 -32.71 -30.16 10.93
C ILE B 51 -34.03 -29.50 10.56
N LEU B 52 -34.82 -30.17 9.73
CA LEU B 52 -36.14 -29.69 9.37
C LEU B 52 -37.14 -29.95 10.48
N ASN B 53 -38.32 -29.38 10.33
CA ASN B 53 -39.46 -29.74 11.17
C ASN B 53 -39.95 -31.15 10.87
N GLU B 54 -40.70 -31.71 11.83
CA GLU B 54 -41.31 -33.03 11.67
C GLU B 54 -42.20 -33.16 10.40
N THR B 55 -42.69 -32.03 9.90
CA THR B 55 -43.39 -31.98 8.61
C THR B 55 -43.02 -30.70 7.83
N LYS B 59 -41.25 -32.50 -0.74
CA LYS B 59 -40.03 -31.99 -1.35
C LYS B 59 -39.08 -31.26 -0.39
N ALA B 60 -39.48 -31.16 0.89
CA ALA B 60 -38.69 -30.46 1.89
C ALA B 60 -37.28 -31.03 2.05
N ASN B 61 -37.18 -32.36 2.01
CA ASN B 61 -35.92 -33.09 2.14
C ASN B 61 -34.94 -32.90 0.99
N VAL B 62 -35.42 -33.00 -0.25
CA VAL B 62 -34.53 -32.81 -1.41
C VAL B 62 -34.03 -31.36 -1.51
N GLU B 63 -34.84 -30.42 -1.02
CA GLU B 63 -34.51 -28.99 -1.08
C GLU B 63 -33.50 -28.61 -0.02
N PHE B 64 -33.57 -29.30 1.12
CA PHE B 64 -32.56 -29.22 2.14
C PHE B 64 -31.20 -29.71 1.61
N MET B 65 -31.25 -30.79 0.82
CA MET B 65 -30.05 -31.34 0.21
C MET B 65 -29.46 -30.41 -0.85
N ASP B 66 -30.32 -29.74 -1.62
CA ASP B 66 -29.88 -28.79 -2.66
C ASP B 66 -29.07 -27.66 -2.05
N GLU B 67 -29.52 -27.24 -0.87
CA GLU B 67 -28.91 -26.21 -0.07
C GLU B 67 -27.52 -26.67 0.45
N ALA B 68 -27.43 -27.94 0.86
CA ALA B 68 -26.15 -28.55 1.25
C ALA B 68 -25.17 -28.52 0.09
N LEU B 69 -25.62 -28.86 -1.12
CA LEU B 69 -24.76 -28.82 -2.28
C LEU B 69 -24.10 -27.43 -2.45
N ILE B 70 -24.93 -26.38 -2.38
CA ILE B 70 -24.44 -25.01 -2.50
C ILE B 70 -23.47 -24.65 -1.39
N MET B 71 -23.80 -24.96 -0.14
CA MET B 71 -22.91 -24.68 0.97
C MET B 71 -21.58 -25.47 0.86
N ALA B 72 -21.64 -26.65 0.25
CA ALA B 72 -20.47 -27.51 0.07
C ALA B 72 -19.52 -27.04 -1.03
N SER B 73 -20.03 -26.25 -1.96
CA SER B 73 -19.23 -25.97 -3.13
C SER B 73 -18.66 -24.56 -3.11
N MET B 74 -18.58 -24.00 -1.91
CA MET B 74 -18.05 -22.67 -1.77
C MET B 74 -17.06 -22.60 -0.63
N ASP B 75 -15.93 -21.96 -0.90
CA ASP B 75 -15.05 -21.48 0.16
C ASP B 75 -14.83 -19.98 0.03
N HIS B 76 -15.46 -19.24 0.93
CA HIS B 76 -15.33 -17.80 0.98
C HIS B 76 -15.37 -17.34 2.42
N PRO B 77 -14.52 -16.36 2.77
CA PRO B 77 -14.52 -15.83 4.14
C PRO B 77 -15.88 -15.34 4.64
N HIS B 78 -16.78 -14.95 3.74
CA HIS B 78 -18.05 -14.34 4.16
C HIS B 78 -19.31 -15.10 3.72
N LEU B 79 -19.13 -16.40 3.49
CA LEU B 79 -20.22 -17.32 3.22
C LEU B 79 -20.10 -18.52 4.14
N VAL B 80 -21.23 -18.92 4.74
CA VAL B 80 -21.26 -20.13 5.57
C VAL B 80 -21.01 -21.35 4.70
N ARG B 81 -20.09 -22.19 5.17
CA ARG B 81 -19.65 -23.36 4.43
C ARG B 81 -20.15 -24.66 5.07
N LEU B 82 -20.52 -25.62 4.24
CA LEU B 82 -20.92 -26.94 4.72
C LEU B 82 -19.71 -27.75 5.16
N LEU B 83 -19.81 -28.35 6.35
CA LEU B 83 -18.75 -29.20 6.85
C LEU B 83 -18.98 -30.65 6.48
N GLY B 84 -20.19 -31.15 6.73
CA GLY B 84 -20.88 -32.02 5.80
C GLY B 84 -22.27 -32.39 6.27
N VAL B 85 -22.77 -33.51 5.78
CA VAL B 85 -24.18 -33.88 5.96
C VAL B 85 -24.31 -35.23 6.64
N CYS B 86 -25.06 -35.27 7.74
CA CYS B 86 -25.47 -36.53 8.34
C CYS B 86 -26.89 -36.94 7.90
N LEU B 87 -27.10 -38.23 7.66
CA LEU B 87 -28.41 -38.70 7.18
C LEU B 87 -29.24 -39.46 8.22
N SER B 88 -28.71 -39.61 9.42
CA SER B 88 -29.34 -40.47 10.43
C SER B 88 -29.52 -39.74 11.78
N PRO B 89 -30.74 -39.78 12.35
CA PRO B 89 -31.93 -40.47 11.84
C PRO B 89 -32.71 -39.60 10.84
N THR B 90 -32.28 -38.36 10.67
CA THR B 90 -32.80 -37.43 9.66
C THR B 90 -31.64 -36.69 9.02
N ILE B 91 -31.92 -35.98 7.94
CA ILE B 91 -30.94 -35.11 7.33
C ILE B 91 -30.57 -33.99 8.27
N GLN B 92 -29.28 -33.86 8.52
CA GLN B 92 -28.79 -32.73 9.30
C GLN B 92 -27.61 -32.07 8.61
N LEU B 93 -27.71 -30.76 8.42
CA LEU B 93 -26.64 -29.98 7.81
C LEU B 93 -25.74 -29.43 8.90
N VAL B 94 -24.45 -29.73 8.81
CA VAL B 94 -23.50 -29.39 9.86
C VAL B 94 -22.56 -28.32 9.34
N THR B 95 -22.51 -27.20 10.06
CA THR B 95 -21.63 -26.11 9.67
C THR B 95 -20.81 -25.68 10.88
N GLN B 96 -19.73 -24.95 10.63
CA GLN B 96 -18.92 -24.37 11.69
C GLN B 96 -19.80 -23.46 12.54
N LEU B 97 -19.72 -23.63 13.86
CA LEU B 97 -20.48 -22.79 14.77
C LEU B 97 -20.08 -21.32 14.69
N MET B 98 -21.07 -20.48 14.41
CA MET B 98 -20.92 -19.03 14.45
C MET B 98 -21.37 -18.57 15.83
N PRO B 99 -20.40 -18.34 16.73
CA PRO B 99 -20.67 -18.24 18.16
C PRO B 99 -21.55 -17.06 18.58
N HIS B 100 -21.60 -15.99 17.79
CA HIS B 100 -22.33 -14.81 18.18
C HIS B 100 -23.71 -14.68 17.54
N GLY B 101 -24.17 -15.70 16.83
CA GLY B 101 -25.52 -15.71 16.30
C GLY B 101 -25.71 -14.79 15.10
N CYS B 102 -26.95 -14.41 14.83
CA CYS B 102 -27.22 -13.64 13.64
C CYS B 102 -26.96 -12.16 13.87
N LEU B 103 -26.68 -11.45 12.78
CA LEU B 103 -26.30 -10.05 12.84
C LEU B 103 -27.44 -9.18 13.34
N LEU B 104 -28.67 -9.51 12.95
CA LEU B 104 -29.81 -8.72 13.39
C LEU B 104 -29.87 -8.64 14.92
N GLU B 105 -29.77 -9.78 15.58
CA GLU B 105 -29.79 -9.84 17.05
C GLU B 105 -28.52 -9.23 17.66
N TYR B 106 -27.39 -9.45 16.99
CA TYR B 106 -26.12 -8.92 17.47
C TYR B 106 -26.17 -7.39 17.56
N VAL B 107 -26.56 -6.72 16.48
CA VAL B 107 -26.65 -5.25 16.48
C VAL B 107 -27.63 -4.74 17.50
N HIS B 108 -28.75 -5.44 17.68
CA HIS B 108 -29.74 -4.99 18.64
C HIS B 108 -29.16 -5.04 20.07
N GLU B 109 -28.63 -6.20 20.45
CA GLU B 109 -28.06 -6.40 21.77
C GLU B 109 -26.89 -5.47 22.07
N HIS B 110 -26.07 -5.17 21.07
CA HIS B 110 -24.85 -4.39 21.30
C HIS B 110 -24.86 -2.96 20.75
N LYS B 111 -26.04 -2.40 20.53
CA LYS B 111 -26.20 -1.08 19.87
C LYS B 111 -25.44 0.07 20.55
N ASP B 112 -25.30 0.00 21.89
CA ASP B 112 -24.60 1.04 22.66
C ASP B 112 -23.08 1.01 22.44
N ASN B 113 -22.58 -0.13 22.00
CA ASN B 113 -21.15 -0.32 21.82
C ASN B 113 -20.72 -0.49 20.36
N ILE B 114 -21.68 -0.43 19.44
CA ILE B 114 -21.33 -0.58 18.04
C ILE B 114 -21.01 0.79 17.43
N GLY B 115 -19.79 0.92 16.92
CA GLY B 115 -19.30 2.16 16.29
C GLY B 115 -19.46 2.16 14.78
N SER B 116 -19.08 3.28 14.16
CA SER B 116 -19.19 3.42 12.72
C SER B 116 -18.23 2.49 11.97
N GLN B 117 -17.06 2.23 12.56
CA GLN B 117 -16.08 1.35 11.94
C GLN B 117 -16.68 -0.02 11.67
N LEU B 118 -17.26 -0.64 12.71
CA LEU B 118 -17.90 -1.94 12.55
C LEU B 118 -19.01 -1.92 11.52
N LEU B 119 -19.90 -0.93 11.63
CA LEU B 119 -21.04 -0.86 10.71
C LEU B 119 -20.57 -0.85 9.27
N LEU B 120 -19.66 0.06 8.94
CA LEU B 120 -19.16 0.12 7.56
C LEU B 120 -18.46 -1.17 7.14
N ASN B 121 -17.66 -1.75 8.05
CA ASN B 121 -16.97 -3.03 7.80
C ASN B 121 -17.94 -4.16 7.43
N TRP B 122 -19.04 -4.28 8.18
CA TRP B 122 -20.06 -5.30 7.84
C TRP B 122 -20.68 -5.09 6.45
N CYS B 123 -20.91 -3.83 6.08
CA CYS B 123 -21.42 -3.50 4.75
C CYS B 123 -20.46 -4.00 3.66
N VAL B 124 -19.16 -3.89 3.94
CA VAL B 124 -18.12 -4.32 3.02
C VAL B 124 -18.10 -5.85 2.94
N GLN B 125 -18.14 -6.50 4.11
CA GLN B 125 -18.04 -7.94 4.18
C GLN B 125 -19.23 -8.66 3.56
N ILE B 126 -20.45 -8.18 3.83
CA ILE B 126 -21.64 -8.68 3.15
C ILE B 126 -21.56 -8.44 1.64
N ALA B 127 -21.08 -7.28 1.21
CA ALA B 127 -20.95 -7.02 -0.22
C ALA B 127 -19.97 -7.98 -0.92
N LYS B 128 -18.81 -8.21 -0.28
CA LYS B 128 -17.82 -9.15 -0.80
C LYS B 128 -18.38 -10.58 -0.92
N GLY B 129 -19.18 -11.00 0.06
CA GLY B 129 -19.84 -12.30 -0.03
C GLY B 129 -20.78 -12.39 -1.21
N MET B 130 -21.52 -11.31 -1.46
CA MET B 130 -22.45 -11.26 -2.57
C MET B 130 -21.70 -11.21 -3.89
N MET B 131 -20.58 -10.48 -3.91
CA MET B 131 -19.72 -10.45 -5.08
C MET B 131 -19.42 -11.85 -5.56
N TYR B 132 -19.07 -12.71 -4.59
CA TYR B 132 -18.64 -14.06 -4.89
C TYR B 132 -19.82 -14.89 -5.34
N LEU B 133 -20.97 -14.70 -4.70
CA LEU B 133 -22.22 -15.32 -5.17
C LEU B 133 -22.47 -14.94 -6.60
N GLU B 134 -22.37 -13.64 -6.91
CA GLU B 134 -22.57 -13.17 -8.27
C GLU B 134 -21.61 -13.85 -9.23
N GLU B 135 -20.32 -13.87 -8.91
CA GLU B 135 -19.30 -14.59 -9.73
C GLU B 135 -19.68 -16.05 -9.97
N ARG B 136 -20.31 -16.67 -8.97
CA ARG B 136 -20.74 -18.06 -9.08
C ARG B 136 -22.08 -18.25 -9.78
N ARG B 137 -22.71 -17.13 -10.16
CA ARG B 137 -24.01 -17.11 -10.86
C ARG B 137 -25.18 -17.58 -10.01
N LEU B 138 -25.07 -17.36 -8.70
CA LEU B 138 -26.11 -17.72 -7.75
C LEU B 138 -26.86 -16.49 -7.24
N VAL B 139 -28.18 -16.52 -7.39
CA VAL B 139 -29.07 -15.54 -6.79
C VAL B 139 -29.61 -16.06 -5.46
N HIS B 140 -29.20 -15.40 -4.37
CA HIS B 140 -29.67 -15.69 -3.00
C HIS B 140 -31.20 -15.63 -2.81
N ARG B 141 -31.81 -14.52 -3.24
CA ARG B 141 -33.26 -14.29 -3.16
C ARG B 141 -33.82 -13.96 -1.76
N ASP B 142 -33.01 -14.09 -0.72
CA ASP B 142 -33.48 -13.89 0.65
C ASP B 142 -32.40 -13.25 1.52
N LEU B 143 -31.71 -12.26 0.97
CA LEU B 143 -30.68 -11.59 1.72
C LEU B 143 -31.31 -10.63 2.73
N ALA B 144 -30.84 -10.71 3.97
CA ALA B 144 -31.40 -9.95 5.09
C ALA B 144 -30.48 -10.13 6.29
N ALA B 145 -30.56 -9.19 7.25
CA ALA B 145 -29.65 -9.23 8.39
C ALA B 145 -29.83 -10.48 9.23
N ARG B 146 -31.05 -11.00 9.24
CA ARG B 146 -31.34 -12.25 9.94
C ARG B 146 -30.60 -13.43 9.27
N ASN B 147 -30.13 -13.23 8.05
CA ASN B 147 -29.43 -14.26 7.31
C ASN B 147 -27.94 -13.98 7.16
N VAL B 148 -27.43 -13.12 8.03
CA VAL B 148 -26.01 -12.92 8.21
C VAL B 148 -25.62 -13.34 9.64
N LEU B 149 -24.59 -14.18 9.74
CA LEU B 149 -24.15 -14.69 11.05
C LEU B 149 -22.86 -14.02 11.52
N VAL B 150 -22.67 -13.93 12.83
CA VAL B 150 -21.45 -13.30 13.38
C VAL B 150 -20.49 -14.34 13.94
N LYS B 151 -19.31 -14.42 13.32
CA LYS B 151 -18.25 -15.31 13.78
C LYS B 151 -17.52 -14.64 14.92
N SER B 152 -17.20 -13.36 14.72
CA SER B 152 -16.58 -12.52 15.75
C SER B 152 -16.92 -11.10 15.37
N PRO B 153 -16.83 -10.14 16.32
CA PRO B 153 -17.35 -8.81 15.99
C PRO B 153 -17.06 -8.32 14.57
N ASN B 154 -15.85 -8.56 14.08
CA ASN B 154 -15.41 -8.00 12.80
C ASN B 154 -15.27 -9.05 11.68
N HIS B 155 -16.10 -10.08 11.75
CA HIS B 155 -16.13 -11.10 10.72
C HIS B 155 -17.53 -11.70 10.61
N VAL B 156 -18.23 -11.40 9.53
CA VAL B 156 -19.59 -11.92 9.32
C VAL B 156 -19.69 -12.80 8.07
N LYS B 157 -20.69 -13.68 8.04
CA LYS B 157 -20.87 -14.60 6.93
C LYS B 157 -22.33 -14.71 6.57
N ILE B 158 -22.61 -14.71 5.27
CA ILE B 158 -23.97 -14.93 4.79
C ILE B 158 -24.29 -16.42 4.82
N THR B 159 -25.55 -16.74 5.11
CA THR B 159 -26.03 -18.11 5.22
C THR B 159 -27.44 -18.18 4.64
N ASP B 160 -28.10 -19.31 4.89
CA ASP B 160 -29.50 -19.56 4.49
C ASP B 160 -29.70 -19.45 3.00
N PHE B 161 -29.12 -20.43 2.29
CA PHE B 161 -29.19 -20.52 0.83
C PHE B 161 -30.33 -21.42 0.33
N GLY B 162 -31.31 -21.66 1.21
CA GLY B 162 -32.50 -22.43 0.89
C GLY B 162 -33.27 -21.97 -0.34
N LEU B 163 -33.29 -20.67 -0.59
CA LEU B 163 -34.02 -20.15 -1.74
C LEU B 163 -33.10 -19.75 -2.89
N ALA B 164 -31.80 -19.96 -2.70
CA ALA B 164 -30.82 -19.54 -3.70
C ALA B 164 -30.92 -20.37 -4.99
N ARG B 165 -30.81 -19.69 -6.14
CA ARG B 165 -30.94 -20.37 -7.41
C ARG B 165 -29.78 -20.07 -8.37
N LEU B 166 -29.40 -21.08 -9.14
CA LEU B 166 -28.24 -21.01 -10.01
C LEU B 166 -28.71 -20.60 -11.40
N LEU B 167 -28.23 -19.46 -11.90
CA LEU B 167 -28.49 -19.07 -13.30
C LEU B 167 -27.64 -19.89 -14.27
N GLU B 168 -28.25 -20.37 -15.34
CA GLU B 168 -27.57 -21.25 -16.30
C GLU B 168 -27.45 -20.69 -17.70
N GLY B 169 -26.36 -21.05 -18.38
CA GLY B 169 -26.10 -20.62 -19.75
C GLY B 169 -26.45 -19.16 -19.98
N ASP B 170 -27.42 -18.91 -20.85
CA ASP B 170 -27.82 -17.55 -21.24
C ASP B 170 -28.64 -16.79 -20.19
N GLU B 171 -29.47 -17.50 -19.44
CA GLU B 171 -30.43 -16.90 -18.49
C GLU B 171 -29.86 -15.79 -17.63
N LYS B 172 -30.65 -14.74 -17.49
CA LYS B 172 -30.25 -13.61 -16.65
C LYS B 172 -31.17 -13.48 -15.42
N GLU B 173 -32.31 -14.17 -15.45
CA GLU B 173 -33.27 -14.09 -14.36
C GLU B 173 -33.78 -15.46 -13.89
N TYR B 174 -34.39 -15.47 -12.72
CA TYR B 174 -35.09 -16.60 -12.22
C TYR B 174 -36.57 -16.31 -12.00
N ASN B 175 -37.41 -17.31 -12.12
CA ASN B 175 -38.85 -17.17 -11.92
C ASN B 175 -39.46 -17.83 -10.70
N ALA B 176 -39.36 -19.13 -10.61
CA ALA B 176 -40.06 -19.82 -9.56
C ALA B 176 -41.22 -19.02 -9.10
N GLY B 179 -40.80 -19.78 -3.75
CA GLY B 179 -40.50 -19.70 -2.32
C GLY B 179 -41.08 -18.49 -1.60
N LYS B 180 -40.87 -18.41 -0.29
CA LYS B 180 -41.48 -17.35 0.53
C LYS B 180 -40.53 -16.40 1.33
N MET B 181 -39.71 -15.65 0.59
CA MET B 181 -38.89 -14.58 1.15
C MET B 181 -39.77 -13.41 1.64
N PRO B 182 -39.42 -12.81 2.79
CA PRO B 182 -40.25 -11.71 3.30
C PRO B 182 -40.36 -10.57 2.30
N ILE B 183 -41.56 -10.03 2.19
CA ILE B 183 -41.90 -9.09 1.14
C ILE B 183 -41.17 -7.76 1.30
N LYS B 184 -40.83 -7.42 2.55
CA LYS B 184 -40.21 -6.13 2.87
C LYS B 184 -38.74 -6.01 2.45
N TRP B 185 -38.18 -7.11 1.94
CA TRP B 185 -36.80 -7.16 1.50
C TRP B 185 -36.72 -7.45 -0.01
N MET B 186 -37.88 -7.61 -0.65
CA MET B 186 -37.98 -7.93 -2.09
C MET B 186 -37.91 -6.70 -2.97
N ALA B 187 -37.15 -6.79 -4.06
CA ALA B 187 -37.12 -5.72 -5.04
C ALA B 187 -38.48 -5.63 -5.69
N LEU B 188 -38.82 -4.44 -6.18
CA LEU B 188 -40.12 -4.21 -6.80
C LEU B 188 -40.38 -5.18 -7.94
N GLU B 189 -39.36 -5.48 -8.72
CA GLU B 189 -39.55 -6.38 -9.87
C GLU B 189 -39.86 -7.81 -9.42
N CYS B 190 -39.39 -8.20 -8.23
CA CYS B 190 -39.72 -9.52 -7.67
C CYS B 190 -41.16 -9.58 -7.25
N ILE B 191 -41.64 -8.51 -6.62
CA ILE B 191 -43.05 -8.42 -6.26
C ILE B 191 -43.97 -8.43 -7.49
N HIS B 192 -43.62 -7.66 -8.52
CA HIS B 192 -44.48 -7.52 -9.70
C HIS B 192 -44.40 -8.65 -10.71
N TYR B 193 -43.19 -9.20 -10.91
CA TYR B 193 -42.93 -10.09 -12.04
C TYR B 193 -42.23 -11.40 -11.69
N ARG B 194 -41.98 -11.65 -10.40
CA ARG B 194 -41.25 -12.84 -9.96
C ARG B 194 -39.88 -13.00 -10.65
N LYS B 195 -39.15 -11.89 -10.71
CA LYS B 195 -37.95 -11.74 -11.53
C LYS B 195 -36.74 -11.51 -10.64
N PHE B 196 -36.09 -12.59 -10.26
CA PHE B 196 -34.98 -12.51 -9.35
C PHE B 196 -33.67 -12.50 -10.12
N THR B 197 -32.81 -11.53 -9.79
CA THR B 197 -31.48 -11.40 -10.39
C THR B 197 -30.53 -10.95 -9.29
N HIS B 198 -29.23 -10.93 -9.60
CA HIS B 198 -28.26 -10.33 -8.69
C HIS B 198 -28.67 -8.89 -8.39
N GLN B 199 -29.23 -8.21 -9.40
CA GLN B 199 -29.68 -6.83 -9.22
C GLN B 199 -30.84 -6.69 -8.21
N SER B 200 -31.69 -7.69 -8.08
CA SER B 200 -32.71 -7.68 -7.03
C SER B 200 -32.10 -7.99 -5.67
N ASP B 201 -31.07 -8.83 -5.64
CA ASP B 201 -30.30 -9.05 -4.40
C ASP B 201 -29.69 -7.76 -3.90
N VAL B 202 -29.31 -6.88 -4.83
CA VAL B 202 -28.76 -5.56 -4.49
C VAL B 202 -29.79 -4.73 -3.70
N TRP B 203 -31.05 -4.79 -4.10
CA TRP B 203 -32.13 -4.09 -3.39
C TRP B 203 -32.21 -4.64 -1.98
N SER B 204 -32.25 -5.98 -1.86
CA SER B 204 -32.23 -6.67 -0.56
C SER B 204 -31.06 -6.23 0.28
N TYR B 205 -29.90 -6.12 -0.35
CA TYR B 205 -28.70 -5.61 0.28
C TYR B 205 -28.98 -4.21 0.85
N GLY B 206 -29.62 -3.38 0.03
CA GLY B 206 -29.95 -2.04 0.46
C GLY B 206 -30.77 -2.07 1.74
N VAL B 207 -31.79 -2.93 1.79
CA VAL B 207 -32.64 -3.06 2.98
C VAL B 207 -31.85 -3.59 4.18
N THR B 208 -30.97 -4.57 3.90
CA THR B 208 -30.11 -5.19 4.90
C THR B 208 -29.22 -4.17 5.64
N ILE B 209 -28.43 -3.40 4.91
CA ILE B 209 -27.60 -2.38 5.56
C ILE B 209 -28.43 -1.31 6.28
N TRP B 210 -29.64 -1.04 5.77
CA TRP B 210 -30.61 -0.15 6.46
C TRP B 210 -30.99 -0.71 7.84
N GLU B 211 -31.21 -2.02 7.94
CA GLU B 211 -31.41 -2.66 9.24
C GLU B 211 -30.21 -2.43 10.15
N LEU B 212 -29.00 -2.48 9.59
CA LEU B 212 -27.79 -2.34 10.41
C LEU B 212 -27.65 -0.91 10.93
N MET B 213 -27.91 0.06 10.07
CA MET B 213 -27.73 1.48 10.39
C MET B 213 -28.74 1.98 11.40
N THR B 214 -29.86 1.25 11.51
CA THR B 214 -30.93 1.57 12.44
C THR B 214 -30.80 0.70 13.69
N PHE B 215 -29.65 0.04 13.83
CA PHE B 215 -29.38 -0.82 14.97
C PHE B 215 -30.45 -1.87 15.15
N GLY B 216 -30.84 -2.46 14.01
CA GLY B 216 -31.78 -3.56 14.01
C GLY B 216 -33.23 -3.12 13.87
N GLY B 217 -33.45 -2.01 13.17
CA GLY B 217 -34.79 -1.52 12.89
C GLY B 217 -35.58 -2.47 12.01
N LYS B 218 -36.90 -2.46 12.21
CA LYS B 218 -37.82 -3.23 11.37
C LYS B 218 -38.25 -2.36 10.23
N PRO B 219 -38.04 -2.83 8.98
CA PRO B 219 -38.33 -2.01 7.82
C PRO B 219 -39.82 -1.78 7.61
N TYR B 220 -40.18 -0.56 7.23
CA TYR B 220 -41.58 -0.15 7.07
C TYR B 220 -42.38 -0.62 8.31
N ASP B 221 -41.92 -0.19 9.49
CA ASP B 221 -42.35 -0.76 10.78
C ASP B 221 -43.86 -0.98 11.02
N GLY B 222 -44.68 0.05 10.91
CA GLY B 222 -46.12 -0.15 11.19
C GLY B 222 -46.98 -0.68 10.03
N ILE B 223 -46.35 -0.99 8.89
CA ILE B 223 -47.08 -1.21 7.64
C ILE B 223 -47.35 -2.69 7.37
N PRO B 224 -48.63 -3.06 7.19
CA PRO B 224 -48.96 -4.42 6.75
C PRO B 224 -48.27 -4.81 5.44
N THR B 225 -47.89 -6.09 5.33
CA THR B 225 -47.24 -6.63 4.12
C THR B 225 -48.03 -6.37 2.82
N ARG B 226 -49.36 -6.32 2.93
CA ARG B 226 -50.24 -6.07 1.80
C ARG B 226 -50.16 -4.66 1.21
N GLU B 227 -49.82 -3.69 2.05
CA GLU B 227 -49.76 -2.29 1.65
C GLU B 227 -48.43 -1.93 0.98
N ILE B 228 -47.46 -2.83 1.09
CA ILE B 228 -46.09 -2.63 0.64
C ILE B 228 -45.91 -2.43 -0.89
N PRO B 229 -46.59 -3.25 -1.72
CA PRO B 229 -46.47 -2.96 -3.15
C PRO B 229 -46.90 -1.55 -3.49
N ASP B 230 -47.93 -1.05 -2.86
CA ASP B 230 -48.49 0.22 -3.20
C ASP B 230 -47.62 1.37 -2.74
N LEU B 231 -47.02 1.20 -1.59
CA LEU B 231 -46.02 2.06 -1.02
C LEU B 231 -44.87 2.27 -1.94
N LEU B 232 -44.35 1.18 -2.42
CA LEU B 232 -43.29 1.18 -3.34
C LEU B 232 -43.57 1.75 -4.71
N GLU B 233 -44.74 1.45 -5.23
CA GLU B 233 -45.19 1.88 -6.55
C GLU B 233 -45.32 3.40 -6.61
N LYS B 234 -45.73 3.98 -5.48
CA LYS B 234 -45.88 5.43 -5.32
C LYS B 234 -44.53 6.11 -5.30
N GLY B 235 -43.46 5.32 -5.18
CA GLY B 235 -42.10 5.83 -5.14
C GLY B 235 -41.55 6.07 -3.75
N GLU B 236 -42.27 5.60 -2.73
CA GLU B 236 -41.83 5.78 -1.36
C GLU B 236 -40.77 4.75 -1.01
N ARG B 237 -39.81 5.15 -0.16
CA ARG B 237 -38.73 4.24 0.26
C ARG B 237 -38.45 4.34 1.77
N LEU B 238 -37.55 3.47 2.25
CA LEU B 238 -37.14 3.52 3.67
C LEU B 238 -36.56 4.87 4.01
N PRO B 239 -36.86 5.39 5.22
CA PRO B 239 -36.36 6.73 5.54
C PRO B 239 -34.85 6.71 5.84
N GLN B 240 -34.24 7.88 5.79
CA GLN B 240 -32.82 8.08 6.10
C GLN B 240 -32.57 7.90 7.60
N PRO B 241 -31.83 6.86 7.97
CA PRO B 241 -31.49 6.63 9.38
C PRO B 241 -30.79 7.85 9.99
N PRO B 242 -31.11 8.18 11.24
CA PRO B 242 -30.54 9.35 11.90
C PRO B 242 -29.00 9.39 11.90
N ILE B 243 -28.32 8.25 11.89
CA ILE B 243 -26.84 8.25 11.90
C ILE B 243 -26.22 8.43 10.51
N CYS B 244 -27.01 8.20 9.47
CA CYS B 244 -26.47 8.18 8.11
C CYS B 244 -26.29 9.55 7.51
N THR B 245 -25.08 9.80 7.01
CA THR B 245 -24.85 10.94 6.16
C THR B 245 -25.65 10.71 4.89
N ILE B 246 -25.87 11.78 4.13
CA ILE B 246 -26.48 11.66 2.81
C ILE B 246 -25.64 10.77 1.90
N ASP B 247 -24.33 10.77 2.11
CA ASP B 247 -23.38 9.90 1.40
C ASP B 247 -23.77 8.44 1.50
N VAL B 248 -24.05 7.96 2.71
CA VAL B 248 -24.41 6.57 2.93
C VAL B 248 -25.84 6.27 2.48
N TYR B 249 -26.76 7.18 2.78
CA TYR B 249 -28.17 7.01 2.44
C TYR B 249 -28.37 6.95 0.95
N MET B 250 -27.61 7.76 0.21
CA MET B 250 -27.71 7.75 -1.25
C MET B 250 -27.28 6.42 -1.84
N VAL B 251 -26.43 5.67 -1.15
CA VAL B 251 -26.04 4.36 -1.65
C VAL B 251 -27.21 3.43 -1.49
N MET B 252 -27.92 3.56 -0.38
CA MET B 252 -29.13 2.80 -0.11
C MET B 252 -30.23 3.06 -1.14
N VAL B 253 -30.44 4.33 -1.47
CA VAL B 253 -31.53 4.72 -2.38
C VAL B 253 -31.17 4.29 -3.81
N LYS B 254 -29.91 4.44 -4.18
CA LYS B 254 -29.43 3.89 -5.44
C LYS B 254 -29.74 2.40 -5.60
N CYS B 255 -29.84 1.67 -4.48
CA CYS B 255 -30.19 0.23 -4.51
C CYS B 255 -31.68 -0.02 -4.73
N TRP B 256 -32.49 1.01 -4.50
CA TRP B 256 -33.93 0.87 -4.55
C TRP B 256 -34.52 1.62 -5.74
N MET B 257 -33.69 1.89 -6.74
CA MET B 257 -34.17 2.47 -8.00
C MET B 257 -34.95 1.43 -8.81
N ILE B 258 -35.95 1.87 -9.54
CA ILE B 258 -36.80 0.98 -10.32
C ILE B 258 -36.03 0.20 -11.39
N ASP B 259 -35.12 0.89 -12.08
CA ASP B 259 -34.32 0.30 -13.16
C ASP B 259 -33.24 -0.63 -12.55
N ALA B 260 -33.60 -1.89 -12.40
CA ALA B 260 -32.76 -2.88 -11.73
C ALA B 260 -31.28 -2.81 -12.20
N ASP B 261 -31.10 -2.74 -13.52
CA ASP B 261 -29.76 -2.72 -14.13
C ASP B 261 -28.87 -1.48 -13.85
N SER B 262 -29.48 -0.36 -13.47
CA SER B 262 -28.73 0.85 -13.16
C SER B 262 -28.35 0.95 -11.69
N ARG B 263 -28.79 -0.01 -10.86
CA ARG B 263 -28.36 -0.09 -9.48
C ARG B 263 -26.87 -0.40 -9.45
N PRO B 264 -26.15 0.08 -8.41
CA PRO B 264 -24.74 -0.28 -8.20
C PRO B 264 -24.54 -1.80 -8.20
N LYS B 265 -23.35 -2.25 -8.58
CA LYS B 265 -23.02 -3.67 -8.52
C LYS B 265 -22.42 -3.97 -7.14
N PHE B 266 -22.51 -5.23 -6.72
CA PHE B 266 -21.91 -5.62 -5.44
C PHE B 266 -20.42 -5.25 -5.38
N LYS B 267 -19.72 -5.45 -6.49
CA LYS B 267 -18.34 -5.03 -6.63
C LYS B 267 -18.17 -3.54 -6.30
N GLU B 268 -19.01 -2.71 -6.91
CA GLU B 268 -19.01 -1.26 -6.68
C GLU B 268 -19.41 -0.92 -5.25
N LEU B 269 -20.43 -1.59 -4.73
CA LEU B 269 -20.80 -1.45 -3.32
C LEU B 269 -19.65 -1.77 -2.37
N ALA B 270 -18.92 -2.85 -2.66
CA ALA B 270 -17.76 -3.25 -1.84
C ALA B 270 -16.68 -2.17 -1.85
N ALA B 271 -16.31 -1.70 -3.04
CA ALA B 271 -15.34 -0.60 -3.19
C ALA B 271 -15.79 0.69 -2.51
N GLU B 272 -17.07 1.03 -2.67
CA GLU B 272 -17.61 2.27 -2.12
C GLU B 272 -17.59 2.27 -0.59
N PHE B 273 -18.04 1.17 0.03
CA PHE B 273 -17.98 1.10 1.50
C PHE B 273 -16.54 0.93 2.03
N SER B 274 -15.66 0.30 1.24
CA SER B 274 -14.27 0.18 1.64
C SER B 274 -13.68 1.57 1.78
N ARG B 275 -14.02 2.44 0.83
CA ARG B 275 -13.54 3.81 0.83
C ARG B 275 -14.05 4.57 2.06
N MET B 276 -15.34 4.40 2.36
CA MET B 276 -15.94 5.08 3.50
C MET B 276 -15.38 4.55 4.84
N ALA B 277 -15.15 3.24 4.89
CA ALA B 277 -14.47 2.58 6.01
C ALA B 277 -13.12 3.21 6.38
N ARG B 278 -12.47 3.88 5.43
CA ARG B 278 -11.18 4.53 5.66
C ARG B 278 -11.26 5.71 6.60
N ASP B 279 -12.46 6.28 6.74
CA ASP B 279 -12.72 7.47 7.57
C ASP B 279 -14.20 7.39 8.05
N PRO B 280 -14.52 6.40 8.90
CA PRO B 280 -15.92 6.03 9.19
C PRO B 280 -16.78 7.17 9.76
N GLN B 281 -16.17 7.99 10.60
CA GLN B 281 -16.83 9.11 11.29
C GLN B 281 -17.31 10.19 10.33
N ARG B 282 -16.72 10.22 9.14
CA ARG B 282 -17.13 11.14 8.11
C ARG B 282 -18.46 10.74 7.49
N TYR B 283 -18.83 9.48 7.65
CA TYR B 283 -19.97 8.91 6.92
C TYR B 283 -21.15 8.43 7.78
N LEU B 284 -20.86 8.04 9.03
CA LEU B 284 -21.91 7.72 10.00
C LEU B 284 -21.68 8.55 11.25
N VAL B 285 -22.74 9.15 11.79
CA VAL B 285 -22.62 10.04 12.94
C VAL B 285 -23.33 9.42 14.15
N ILE B 286 -22.55 8.70 14.95
CA ILE B 286 -23.03 8.07 16.18
C ILE B 286 -22.53 8.85 17.38
N GLN B 287 -23.47 9.33 18.20
CA GLN B 287 -23.15 10.13 19.39
C GLN B 287 -22.37 9.38 20.46
N GLY B 288 -21.56 10.12 21.20
CA GLY B 288 -20.80 9.57 22.31
C GLY B 288 -19.36 9.28 21.94
N ASP B 289 -18.98 8.02 22.09
CA ASP B 289 -17.59 7.60 21.94
C ASP B 289 -17.10 7.64 20.50
N ASP B 290 -18.02 7.41 19.58
CA ASP B 290 -17.66 7.35 18.17
C ASP B 290 -17.17 8.70 17.66
N ARG B 291 -17.77 9.77 18.16
CA ARG B 291 -17.46 11.15 17.73
C ARG B 291 -16.31 11.80 18.50
N MET B 292 -15.74 11.01 19.41
CA MET B 292 -14.45 11.26 20.03
C MET B 292 -13.54 12.13 19.17
N THR C 2 38.18 1.54 -37.90
CA THR C 2 36.69 1.78 -37.94
C THR C 2 36.25 2.96 -38.85
N ALA C 3 35.15 2.74 -39.57
CA ALA C 3 34.67 3.57 -40.67
C ALA C 3 34.31 5.02 -40.28
N PRO C 4 34.54 5.99 -41.20
CA PRO C 4 34.25 7.40 -40.94
C PRO C 4 32.75 7.64 -40.83
N ASN C 5 32.34 8.38 -39.80
CA ASN C 5 30.93 8.65 -39.54
C ASN C 5 30.45 9.89 -40.28
N GLN C 6 29.77 9.69 -41.40
CA GLN C 6 29.43 10.79 -42.29
C GLN C 6 27.96 11.21 -42.19
N ALA C 7 27.32 10.88 -41.08
CA ALA C 7 25.97 11.37 -40.86
C ALA C 7 25.96 12.91 -40.92
N GLN C 8 24.87 13.47 -41.43
CA GLN C 8 24.71 14.91 -41.50
C GLN C 8 23.92 15.41 -40.30
N LEU C 9 24.49 16.38 -39.60
CA LEU C 9 23.81 17.02 -38.48
C LEU C 9 22.89 18.14 -38.99
N ARG C 10 21.60 18.03 -38.72
CA ARG C 10 20.70 19.10 -39.12
C ARG C 10 20.52 20.19 -38.04
N ILE C 11 20.89 21.41 -38.40
CA ILE C 11 20.71 22.57 -37.54
C ILE C 11 19.40 23.25 -37.89
N LEU C 12 18.48 23.27 -36.94
CA LEU C 12 17.14 23.78 -37.14
C LEU C 12 17.04 25.22 -36.67
N LYS C 13 16.46 26.09 -37.51
CA LYS C 13 16.18 27.47 -37.11
C LYS C 13 15.00 27.51 -36.15
N GLU C 14 15.02 28.47 -35.25
CA GLU C 14 13.97 28.64 -34.24
C GLU C 14 12.57 28.77 -34.83
N THR C 15 12.46 29.44 -35.96
CA THR C 15 11.16 29.68 -36.61
C THR C 15 10.49 28.40 -37.09
N GLU C 16 11.29 27.34 -37.25
CA GLU C 16 10.77 26.04 -37.69
C GLU C 16 10.01 25.29 -36.60
N LEU C 17 10.08 25.75 -35.36
CA LEU C 17 9.59 24.99 -34.21
C LEU C 17 8.55 25.70 -33.38
N LYS C 18 7.53 24.96 -32.95
CA LYS C 18 6.49 25.49 -32.08
C LYS C 18 6.30 24.54 -30.91
N ARG C 19 6.27 25.09 -29.70
CA ARG C 19 5.98 24.27 -28.53
C ARG C 19 4.46 24.21 -28.29
N VAL C 20 3.94 23.00 -28.08
CA VAL C 20 2.52 22.79 -27.84
C VAL C 20 2.22 22.61 -26.34
N LYS C 21 2.91 21.68 -25.68
CA LYS C 21 2.75 21.49 -24.23
C LYS C 21 3.91 20.73 -23.58
N VAL C 22 3.95 20.74 -22.25
CA VAL C 22 4.98 20.02 -21.51
C VAL C 22 4.59 18.55 -21.39
N LEU C 23 5.44 17.68 -21.91
CA LEU C 23 5.22 16.24 -21.85
C LEU C 23 5.90 15.62 -20.65
N GLY C 24 7.01 16.21 -20.23
CA GLY C 24 7.80 15.71 -19.12
C GLY C 24 8.65 16.81 -18.53
N SER C 25 8.90 16.71 -17.23
CA SER C 25 9.66 17.73 -16.52
C SER C 25 10.33 17.12 -15.30
N GLY C 26 11.50 17.66 -14.94
CA GLY C 26 12.23 17.22 -13.75
C GLY C 26 13.68 17.66 -13.74
N ALA C 27 14.51 16.89 -13.04
CA ALA C 27 15.95 17.17 -13.01
C ALA C 27 16.62 16.98 -14.37
N PHE C 28 16.15 16.00 -15.15
CA PHE C 28 16.74 15.70 -16.47
C PHE C 28 16.57 16.85 -17.48
N GLY C 29 15.59 17.71 -17.21
CA GLY C 29 15.21 18.78 -18.13
C GLY C 29 13.72 18.77 -18.41
N THR C 30 13.35 19.23 -19.60
CA THR C 30 11.96 19.34 -20.01
C THR C 30 11.78 18.79 -21.43
N VAL C 31 10.81 17.92 -21.62
CA VAL C 31 10.46 17.48 -22.96
C VAL C 31 9.10 18.07 -23.36
N TYR C 32 9.09 18.80 -24.47
CA TYR C 32 7.89 19.41 -25.02
C TYR C 32 7.27 18.60 -26.16
N LYS C 33 5.94 18.62 -26.25
CA LYS C 33 5.27 18.20 -27.47
C LYS C 33 5.28 19.39 -28.40
N GLY C 34 5.49 19.17 -29.69
CA GLY C 34 5.57 20.28 -30.62
C GLY C 34 5.33 20.01 -32.09
N ILE C 35 5.45 21.08 -32.87
CA ILE C 35 5.35 20.99 -34.32
C ILE C 35 6.65 21.50 -34.97
N TRP C 36 7.12 20.72 -35.93
CA TRP C 36 8.23 21.13 -36.74
C TRP C 36 7.78 21.30 -38.18
N VAL C 37 7.93 22.51 -38.69
CA VAL C 37 7.74 22.83 -40.10
C VAL C 37 9.12 23.01 -40.74
N PRO C 38 9.58 22.00 -41.51
CA PRO C 38 10.90 22.08 -42.14
C PRO C 38 10.98 23.27 -43.08
N GLU C 39 12.06 24.05 -42.96
CA GLU C 39 12.27 25.24 -43.76
C GLU C 39 11.96 25.00 -45.23
N GLY C 40 11.23 25.92 -45.84
CA GLY C 40 10.86 25.80 -47.25
C GLY C 40 9.75 24.79 -47.53
N GLU C 41 9.32 24.05 -46.51
CA GLU C 41 8.19 23.11 -46.65
C GLU C 41 6.96 23.60 -45.91
N THR C 42 5.88 22.84 -46.00
CA THR C 42 4.59 23.24 -45.46
C THR C 42 4.00 22.19 -44.48
N VAL C 43 4.50 20.96 -44.59
CA VAL C 43 4.10 19.85 -43.72
C VAL C 43 4.37 20.13 -42.22
N LYS C 44 3.37 19.84 -41.38
CA LYS C 44 3.53 19.97 -39.92
C LYS C 44 3.87 18.64 -39.26
N ILE C 45 5.10 18.52 -38.77
CA ILE C 45 5.58 17.25 -38.22
C ILE C 45 5.53 17.23 -36.69
N PRO C 46 4.64 16.38 -36.13
CA PRO C 46 4.60 16.17 -34.68
C PRO C 46 5.97 15.72 -34.16
N VAL C 47 6.38 16.31 -33.05
CA VAL C 47 7.78 16.32 -32.68
C VAL C 47 7.94 16.41 -31.16
N ALA C 48 9.03 15.84 -30.64
CA ALA C 48 9.43 16.05 -29.23
C ALA C 48 10.63 16.98 -29.20
N ILE C 49 10.63 17.92 -28.25
CA ILE C 49 11.69 18.92 -28.14
C ILE C 49 12.21 18.93 -26.73
N LYS C 50 13.48 18.56 -26.58
CA LYS C 50 14.06 18.42 -25.26
C LYS C 50 15.07 19.53 -25.00
N ILE C 51 14.87 20.22 -23.88
CA ILE C 51 15.84 21.20 -23.40
C ILE C 51 16.30 20.80 -22.00
N LEU C 52 17.49 21.26 -21.61
CA LEU C 52 18.00 21.06 -20.26
C LEU C 52 17.43 22.14 -19.35
N ASN C 53 17.51 21.94 -18.03
CA ASN C 53 17.14 22.99 -17.07
C ASN C 53 18.05 24.19 -17.20
N GLU C 54 17.49 25.39 -16.95
CA GLU C 54 18.24 26.64 -17.05
C GLU C 54 19.38 26.70 -16.05
N THR C 55 19.17 26.05 -14.90
CA THR C 55 20.20 25.84 -13.89
C THR C 55 20.74 24.42 -14.09
N THR C 56 22.00 24.34 -14.51
CA THR C 56 22.54 23.12 -15.11
C THR C 56 24.03 22.89 -14.83
N GLY C 57 24.54 21.70 -15.18
CA GLY C 57 25.98 21.39 -15.05
C GLY C 57 26.87 22.23 -15.95
N PRO C 58 28.19 22.34 -15.61
CA PRO C 58 29.13 23.13 -16.44
C PRO C 58 29.53 22.40 -17.75
N LYS C 59 29.38 21.08 -17.77
CA LYS C 59 29.65 20.26 -18.94
C LYS C 59 28.35 19.66 -19.51
N ALA C 60 27.21 20.13 -19.00
CA ALA C 60 25.91 19.58 -19.38
C ALA C 60 25.59 19.80 -20.85
N ASN C 61 25.96 20.98 -21.36
CA ASN C 61 25.64 21.37 -22.71
C ASN C 61 26.42 20.64 -23.80
N VAL C 62 27.72 20.45 -23.59
CA VAL C 62 28.54 19.67 -24.53
C VAL C 62 28.18 18.18 -24.51
N GLU C 63 27.65 17.71 -23.38
CA GLU C 63 27.24 16.30 -23.27
C GLU C 63 25.90 16.08 -23.95
N PHE C 64 25.05 17.10 -23.85
CA PHE C 64 23.78 17.14 -24.55
C PHE C 64 23.99 17.01 -26.05
N MET C 65 25.03 17.70 -26.53
CA MET C 65 25.43 17.63 -27.91
C MET C 65 26.08 16.27 -28.26
N ASP C 66 26.89 15.71 -27.36
CA ASP C 66 27.45 14.35 -27.54
C ASP C 66 26.36 13.33 -27.79
N GLU C 67 25.24 13.53 -27.09
CA GLU C 67 24.06 12.69 -27.19
C GLU C 67 23.37 12.89 -28.54
N ALA C 68 23.25 14.16 -28.96
CA ALA C 68 22.69 14.49 -30.28
C ALA C 68 23.41 13.79 -31.41
N LEU C 69 24.74 13.80 -31.35
CA LEU C 69 25.59 13.16 -32.35
C LEU C 69 25.31 11.65 -32.50
N ILE C 70 25.13 10.97 -31.37
CA ILE C 70 24.80 9.54 -31.36
C ILE C 70 23.43 9.33 -32.05
N MET C 71 22.43 10.09 -31.64
CA MET C 71 21.08 10.01 -32.22
C MET C 71 21.06 10.38 -33.71
N ALA C 72 21.99 11.24 -34.15
CA ALA C 72 22.05 11.62 -35.57
C ALA C 72 22.74 10.56 -36.44
N SER C 73 23.47 9.64 -35.81
CA SER C 73 24.29 8.65 -36.50
C SER C 73 23.60 7.31 -36.70
N MET C 74 22.32 7.23 -36.35
CA MET C 74 21.67 5.94 -36.37
C MET C 74 20.31 5.97 -37.01
N ASP C 75 20.03 4.91 -37.76
CA ASP C 75 18.76 4.69 -38.41
C ASP C 75 18.36 3.24 -38.20
N HIS C 76 17.70 3.00 -37.08
CA HIS C 76 17.15 1.70 -36.74
C HIS C 76 15.70 1.92 -36.26
N PRO C 77 14.76 1.06 -36.71
CA PRO C 77 13.35 1.20 -36.33
C PRO C 77 13.10 1.25 -34.82
N HIS C 78 14.03 0.74 -34.02
CA HIS C 78 13.83 0.64 -32.57
C HIS C 78 14.80 1.51 -31.76
N LEU C 79 15.37 2.50 -32.42
CA LEU C 79 16.16 3.50 -31.74
C LEU C 79 15.69 4.89 -32.13
N VAL C 80 15.42 5.72 -31.12
CA VAL C 80 15.01 7.11 -31.35
C VAL C 80 16.09 7.81 -32.15
N ARG C 81 15.68 8.57 -33.16
CA ARG C 81 16.53 9.27 -34.08
C ARG C 81 16.50 10.80 -33.98
N LEU C 82 17.61 11.46 -34.17
CA LEU C 82 17.60 12.89 -34.27
C LEU C 82 17.07 13.46 -35.55
N LEU C 83 16.17 14.41 -35.46
CA LEU C 83 15.78 15.21 -36.59
C LEU C 83 16.65 16.42 -36.81
N GLY C 84 16.86 17.16 -35.75
CA GLY C 84 17.95 18.08 -35.68
C GLY C 84 18.06 18.78 -34.38
N VAL C 85 19.06 19.61 -34.28
CA VAL C 85 19.26 20.47 -33.16
C VAL C 85 18.96 21.92 -33.44
N CYS C 86 18.21 22.53 -32.56
CA CYS C 86 18.08 23.97 -32.58
C CYS C 86 18.97 24.55 -31.50
N LEU C 87 19.59 25.69 -31.79
CA LEU C 87 20.60 26.28 -30.90
C LEU C 87 20.07 27.47 -30.11
N SER C 88 18.94 28.02 -30.54
CA SER C 88 18.41 29.26 -29.99
C SER C 88 17.01 29.08 -29.38
N PRO C 89 16.79 29.56 -28.13
CA PRO C 89 17.67 30.36 -27.28
C PRO C 89 18.60 29.52 -26.40
N THR C 90 18.31 28.22 -26.31
CA THR C 90 19.21 27.22 -25.72
C THR C 90 19.16 26.01 -26.64
N ILE C 91 19.99 25.02 -26.34
CA ILE C 91 20.01 23.78 -27.11
C ILE C 91 18.71 23.00 -26.93
N GLN C 92 18.12 22.62 -28.06
CA GLN C 92 16.90 21.83 -28.11
C GLN C 92 17.13 20.64 -29.01
N LEU C 93 16.92 19.44 -28.48
CA LEU C 93 17.04 18.20 -29.27
C LEU C 93 15.69 17.84 -29.81
N VAL C 94 15.60 17.70 -31.14
CA VAL C 94 14.33 17.52 -31.80
C VAL C 94 14.24 16.13 -32.41
N THR C 95 13.20 15.39 -32.04
CA THR C 95 12.97 14.02 -32.49
C THR C 95 11.50 13.81 -32.88
N GLN C 96 11.21 12.73 -33.62
CA GLN C 96 9.83 12.38 -33.98
C GLN C 96 9.00 12.13 -32.72
N LEU C 97 7.81 12.71 -32.64
CA LEU C 97 6.95 12.51 -31.46
C LEU C 97 6.56 11.04 -31.26
N MET C 98 6.75 10.56 -30.04
CA MET C 98 6.29 9.23 -29.67
C MET C 98 5.01 9.42 -28.88
N PRO C 99 3.86 9.27 -29.57
CA PRO C 99 2.59 9.74 -29.01
C PRO C 99 2.23 9.10 -27.67
N HIS C 100 2.54 7.82 -27.51
CA HIS C 100 2.11 7.07 -26.33
C HIS C 100 3.02 7.13 -25.10
N GLY C 101 4.03 8.00 -25.14
CA GLY C 101 4.94 8.19 -23.99
C GLY C 101 5.85 7.02 -23.72
N CYS C 102 6.40 6.95 -22.50
CA CYS C 102 7.37 5.91 -22.18
C CYS C 102 6.71 4.61 -21.77
N LEU C 103 7.38 3.51 -22.11
CA LEU C 103 6.83 2.17 -21.97
C LEU C 103 6.47 1.81 -20.53
N LEU C 104 7.22 2.36 -19.57
CA LEU C 104 6.98 2.09 -18.15
C LEU C 104 5.59 2.59 -17.73
N GLU C 105 5.21 3.78 -18.19
CA GLU C 105 3.92 4.37 -17.92
C GLU C 105 2.80 3.67 -18.68
N TYR C 106 3.05 3.42 -19.96
CA TYR C 106 2.12 2.72 -20.84
C TYR C 106 1.72 1.33 -20.30
N VAL C 107 2.68 0.54 -19.82
CA VAL C 107 2.34 -0.80 -19.31
C VAL C 107 1.56 -0.70 -18.02
N HIS C 108 1.83 0.33 -17.22
CA HIS C 108 1.09 0.51 -15.98
C HIS C 108 -0.33 0.98 -16.29
N GLU C 109 -0.44 2.01 -17.12
CA GLU C 109 -1.74 2.51 -17.56
C GLU C 109 -2.64 1.41 -18.16
N HIS C 110 -2.07 0.57 -19.02
CA HIS C 110 -2.86 -0.38 -19.77
C HIS C 110 -2.77 -1.84 -19.29
N LYS C 111 -2.33 -2.00 -18.04
CA LYS C 111 -2.43 -3.26 -17.30
C LYS C 111 -3.44 -4.23 -17.92
N ASP C 112 -4.72 -3.87 -17.88
CA ASP C 112 -5.81 -4.81 -18.13
C ASP C 112 -6.11 -5.07 -19.60
N ASN C 113 -5.37 -4.38 -20.47
CA ASN C 113 -5.49 -4.56 -21.91
C ASN C 113 -4.29 -5.21 -22.57
N ILE C 114 -3.13 -5.14 -21.92
CA ILE C 114 -1.90 -5.66 -22.49
C ILE C 114 -1.83 -7.19 -22.40
N GLY C 115 -1.69 -7.83 -23.54
CA GLY C 115 -1.64 -9.28 -23.58
C GLY C 115 -0.22 -9.80 -23.67
N SER C 116 -0.10 -11.12 -23.74
CA SER C 116 1.20 -11.80 -23.82
C SER C 116 1.92 -11.51 -25.13
N GLN C 117 1.15 -11.31 -26.20
CA GLN C 117 1.69 -11.01 -27.52
C GLN C 117 2.49 -9.72 -27.54
N LEU C 118 1.91 -8.66 -26.99
CA LEU C 118 2.57 -7.35 -26.96
C LEU C 118 3.81 -7.38 -26.07
N LEU C 119 3.71 -8.11 -24.97
CA LEU C 119 4.79 -8.16 -24.02
C LEU C 119 6.00 -8.80 -24.67
N LEU C 120 5.78 -9.92 -25.36
CA LEU C 120 6.88 -10.62 -26.01
C LEU C 120 7.46 -9.84 -27.18
N ASN C 121 6.61 -9.19 -27.96
CA ASN C 121 7.05 -8.31 -29.04
C ASN C 121 7.97 -7.18 -28.58
N TRP C 122 7.65 -6.57 -27.44
CA TRP C 122 8.52 -5.53 -26.86
C TRP C 122 9.91 -6.10 -26.52
N CYS C 123 9.92 -7.33 -25.98
CA CYS C 123 11.19 -8.01 -25.67
C CYS C 123 12.04 -8.14 -26.92
N VAL C 124 11.41 -8.50 -28.04
CA VAL C 124 12.10 -8.66 -29.32
C VAL C 124 12.62 -7.31 -29.83
N GLN C 125 11.72 -6.33 -29.89
CA GLN C 125 12.02 -4.99 -30.39
C GLN C 125 13.17 -4.34 -29.62
N ILE C 126 13.06 -4.33 -28.29
CA ILE C 126 14.13 -3.84 -27.43
C ILE C 126 15.44 -4.59 -27.67
N ALA C 127 15.38 -5.93 -27.70
CA ALA C 127 16.58 -6.73 -27.99
C ALA C 127 17.22 -6.37 -29.34
N LYS C 128 16.37 -6.13 -30.36
CA LYS C 128 16.83 -5.79 -31.70
C LYS C 128 17.56 -4.45 -31.75
N GLY C 129 17.03 -3.47 -31.02
CA GLY C 129 17.66 -2.17 -30.93
C GLY C 129 19.04 -2.29 -30.29
N MET C 130 19.12 -3.04 -29.20
CA MET C 130 20.37 -3.25 -28.46
C MET C 130 21.38 -3.99 -29.33
N MET C 131 20.88 -4.92 -30.13
CA MET C 131 21.69 -5.67 -31.07
C MET C 131 22.41 -4.68 -31.98
N TYR C 132 21.65 -3.71 -32.48
CA TYR C 132 22.21 -2.68 -33.32
C TYR C 132 23.19 -1.80 -32.55
N LEU C 133 22.88 -1.48 -31.30
CA LEU C 133 23.81 -0.74 -30.46
C LEU C 133 25.12 -1.50 -30.29
N GLU C 134 25.04 -2.82 -30.12
CA GLU C 134 26.22 -3.66 -30.04
C GLU C 134 27.05 -3.65 -31.35
N GLU C 135 26.41 -3.82 -32.51
CA GLU C 135 27.13 -3.75 -33.79
C GLU C 135 27.87 -2.43 -33.93
N ARG C 136 27.24 -1.34 -33.51
CA ARG C 136 27.84 0.00 -33.57
C ARG C 136 28.87 0.28 -32.45
N ARG C 137 29.03 -0.68 -31.54
CA ARG C 137 30.02 -0.62 -30.46
C ARG C 137 29.65 0.37 -29.36
N LEU C 138 28.35 0.65 -29.24
CA LEU C 138 27.81 1.54 -28.22
C LEU C 138 27.23 0.78 -27.02
N VAL C 139 27.76 1.12 -25.85
CA VAL C 139 27.20 0.69 -24.58
C VAL C 139 26.25 1.78 -24.07
N HIS C 140 24.99 1.40 -23.83
CA HIS C 140 23.93 2.33 -23.38
C HIS C 140 24.18 2.85 -21.98
N ARG C 141 24.41 1.93 -21.04
CA ARG C 141 24.69 2.19 -19.62
C ARG C 141 23.47 2.58 -18.79
N ASP C 142 22.34 2.81 -19.45
CA ASP C 142 21.14 3.25 -18.75
C ASP C 142 19.86 2.64 -19.33
N LEU C 143 19.87 1.36 -19.65
CA LEU C 143 18.68 0.72 -20.17
C LEU C 143 17.68 0.42 -19.04
N ALA C 144 16.42 0.78 -19.28
CA ALA C 144 15.35 0.77 -18.28
C ALA C 144 14.04 1.08 -19.02
N ALA C 145 12.91 0.66 -18.48
CA ALA C 145 11.64 0.81 -19.21
C ALA C 145 11.21 2.27 -19.36
N ARG C 146 11.69 3.13 -18.46
CA ARG C 146 11.44 4.57 -18.58
C ARG C 146 12.15 5.16 -19.78
N ASN C 147 13.16 4.46 -20.30
CA ASN C 147 13.97 4.90 -21.44
C ASN C 147 13.68 4.13 -22.70
N VAL C 148 12.52 3.49 -22.72
CA VAL C 148 11.93 2.97 -23.94
C VAL C 148 10.61 3.70 -24.14
N LEU C 149 10.40 4.23 -25.34
CA LEU C 149 9.22 5.01 -25.70
C LEU C 149 8.34 4.26 -26.69
N VAL C 150 7.06 4.62 -26.72
CA VAL C 150 6.02 3.91 -27.49
C VAL C 150 5.44 4.76 -28.61
N LYS C 151 5.66 4.35 -29.84
CA LYS C 151 5.19 5.09 -30.99
C LYS C 151 3.76 4.68 -31.29
N SER C 152 3.53 3.38 -31.21
CA SER C 152 2.21 2.77 -31.32
C SER C 152 2.33 1.50 -30.48
N PRO C 153 1.19 0.89 -30.07
CA PRO C 153 1.26 -0.23 -29.12
C PRO C 153 2.26 -1.33 -29.49
N ASN C 154 2.48 -1.53 -30.79
CA ASN C 154 3.37 -2.57 -31.26
C ASN C 154 4.68 -2.09 -31.90
N HIS C 155 5.14 -0.92 -31.48
CA HIS C 155 6.36 -0.36 -32.01
C HIS C 155 7.03 0.54 -30.97
N VAL C 156 8.12 0.05 -30.39
CA VAL C 156 8.82 0.77 -29.34
C VAL C 156 10.24 1.12 -29.77
N LYS C 157 10.76 2.20 -29.20
CA LYS C 157 12.15 2.61 -29.43
C LYS C 157 12.89 2.93 -28.14
N ILE C 158 14.17 2.57 -28.11
CA ILE C 158 15.03 2.90 -26.98
C ILE C 158 15.51 4.33 -27.15
N THR C 159 15.64 5.06 -26.08
CA THR C 159 16.11 6.40 -26.12
C THR C 159 17.06 6.69 -25.00
N ASP C 160 17.39 7.94 -24.82
CA ASP C 160 18.08 8.43 -23.65
C ASP C 160 19.52 7.98 -23.68
N PHE C 161 20.22 8.37 -24.72
CA PHE C 161 21.59 8.02 -24.90
C PHE C 161 22.61 8.97 -24.22
N GLY C 162 22.14 9.69 -23.21
CA GLY C 162 22.97 10.64 -22.46
C GLY C 162 24.25 10.03 -21.91
N LEU C 163 24.13 8.83 -21.35
CA LEU C 163 25.24 8.14 -20.71
C LEU C 163 25.85 7.05 -21.61
N ALA C 164 25.37 6.96 -22.84
CA ALA C 164 25.89 6.00 -23.81
C ALA C 164 27.33 6.34 -24.19
N ARG C 165 28.16 5.34 -24.40
CA ARG C 165 29.56 5.52 -24.69
C ARG C 165 30.05 4.59 -25.75
N LEU C 166 30.86 5.12 -26.65
CA LEU C 166 31.43 4.36 -27.74
C LEU C 166 32.74 3.62 -27.41
N LEU C 167 32.72 2.32 -27.51
CA LEU C 167 33.90 1.49 -27.42
C LEU C 167 34.85 1.67 -28.59
N GLU C 168 36.08 2.03 -28.29
CA GLU C 168 37.08 2.36 -29.31
C GLU C 168 37.87 1.14 -29.74
N ASP C 170 39.39 -1.78 -30.00
CA ASP C 170 40.04 -2.94 -29.40
C ASP C 170 39.66 -3.14 -27.94
N GLU C 171 39.57 -2.04 -27.19
CA GLU C 171 39.14 -2.06 -25.79
C GLU C 171 37.75 -2.66 -25.66
N LYS C 172 37.52 -3.41 -24.58
CA LYS C 172 36.30 -4.23 -24.44
C LYS C 172 35.36 -3.74 -23.34
N GLU C 173 35.67 -2.59 -22.74
CA GLU C 173 34.89 -2.03 -21.65
C GLU C 173 35.04 -0.51 -21.56
N TYR C 174 34.15 0.12 -20.79
CA TYR C 174 34.25 1.55 -20.54
C TYR C 174 34.25 1.85 -19.04
N ASN C 175 35.12 2.76 -18.62
CA ASN C 175 35.37 2.99 -17.21
C ASN C 175 34.55 4.17 -16.67
N ALA C 176 33.97 3.98 -15.48
CA ALA C 176 33.09 4.97 -14.90
C ALA C 176 33.39 6.37 -15.45
N ASP C 177 32.33 7.11 -15.78
CA ASP C 177 32.33 8.56 -15.59
C ASP C 177 31.72 8.94 -14.24
N GLY C 179 28.60 9.70 -14.26
CA GLY C 179 27.20 9.50 -14.64
C GLY C 179 26.42 8.68 -13.63
N LYS C 180 25.11 8.91 -13.57
CA LYS C 180 24.28 8.32 -12.51
C LYS C 180 23.08 7.52 -13.00
N MET C 181 23.38 6.39 -13.63
CA MET C 181 22.38 5.39 -13.90
C MET C 181 21.94 4.80 -12.57
N PRO C 182 20.62 4.57 -12.40
CA PRO C 182 20.14 4.00 -11.13
C PRO C 182 20.65 2.58 -10.88
N ILE C 183 21.05 2.34 -9.63
CA ILE C 183 21.73 1.11 -9.24
C ILE C 183 20.87 -0.15 -9.33
N LYS C 184 19.55 0.01 -9.24
CA LYS C 184 18.66 -1.12 -9.29
C LYS C 184 18.63 -1.73 -10.68
N TRP C 185 19.27 -1.04 -11.63
CA TRP C 185 19.36 -1.51 -13.01
C TRP C 185 20.80 -1.84 -13.45
N MET C 186 21.80 -1.56 -12.62
CA MET C 186 23.17 -1.86 -13.07
C MET C 186 23.64 -3.26 -12.74
N ALA C 187 24.40 -3.83 -13.68
CA ALA C 187 25.06 -5.09 -13.46
C ALA C 187 26.00 -5.05 -12.26
N LEU C 188 26.14 -6.18 -11.60
CA LEU C 188 27.01 -6.27 -10.43
C LEU C 188 28.43 -5.77 -10.73
N GLU C 189 28.94 -6.08 -11.92
CA GLU C 189 30.31 -5.69 -12.24
C GLU C 189 30.47 -4.17 -12.46
N CYS C 190 29.35 -3.48 -12.66
CA CYS C 190 29.34 -2.01 -12.75
C CYS C 190 29.30 -1.39 -11.39
N ILE C 191 28.59 -2.04 -10.46
CA ILE C 191 28.61 -1.62 -9.06
C ILE C 191 30.02 -1.80 -8.49
N HIS C 192 30.62 -2.97 -8.73
CA HIS C 192 31.93 -3.28 -8.14
C HIS C 192 33.09 -2.56 -8.79
N TYR C 193 33.18 -2.59 -10.12
CA TYR C 193 34.39 -2.13 -10.81
C TYR C 193 34.19 -0.90 -11.69
N ARG C 194 32.94 -0.47 -11.83
CA ARG C 194 32.60 0.65 -12.70
C ARG C 194 33.10 0.41 -14.15
N LYS C 195 32.90 -0.81 -14.61
CA LYS C 195 33.19 -1.19 -15.98
C LYS C 195 31.89 -1.53 -16.64
N PHE C 196 31.70 -1.03 -17.85
CA PHE C 196 30.45 -1.18 -18.55
C PHE C 196 30.70 -1.81 -19.91
N THR C 197 29.90 -2.81 -20.26
CA THR C 197 30.10 -3.55 -21.49
C THR C 197 28.72 -3.80 -22.08
N HIS C 198 28.67 -4.37 -23.28
CA HIS C 198 27.39 -4.79 -23.85
C HIS C 198 26.74 -5.86 -22.96
N GLN C 199 27.57 -6.67 -22.29
CA GLN C 199 27.07 -7.69 -21.37
C GLN C 199 26.47 -7.13 -20.06
N SER C 200 26.93 -5.95 -19.63
CA SER C 200 26.28 -5.25 -18.51
C SER C 200 24.94 -4.63 -18.95
N ASP C 201 24.86 -4.18 -20.20
CA ASP C 201 23.56 -3.80 -20.78
C ASP C 201 22.55 -4.94 -20.74
N VAL C 202 23.03 -6.17 -20.93
CA VAL C 202 22.18 -7.37 -20.89
C VAL C 202 21.50 -7.53 -19.52
N TRP C 203 22.27 -7.37 -18.45
CA TRP C 203 21.71 -7.39 -17.11
C TRP C 203 20.55 -6.39 -17.05
N SER C 204 20.80 -5.17 -17.53
CA SER C 204 19.82 -4.08 -17.51
C SER C 204 18.58 -4.46 -18.31
N TYR C 205 18.80 -5.10 -19.46
CA TYR C 205 17.72 -5.60 -20.31
C TYR C 205 16.86 -6.63 -19.56
N GLY C 206 17.51 -7.46 -18.75
CA GLY C 206 16.78 -8.38 -17.86
C GLY C 206 15.91 -7.65 -16.87
N VAL C 207 16.42 -6.56 -16.30
CA VAL C 207 15.64 -5.80 -15.34
C VAL C 207 14.51 -5.07 -16.06
N THR C 208 14.80 -4.61 -17.27
CA THR C 208 13.82 -3.90 -18.06
C THR C 208 12.61 -4.80 -18.37
N ILE C 209 12.86 -6.02 -18.87
CA ILE C 209 11.74 -6.90 -19.23
C ILE C 209 10.96 -7.36 -17.99
N TRP C 210 11.65 -7.40 -16.85
CA TRP C 210 11.04 -7.66 -15.53
C TRP C 210 10.01 -6.60 -15.18
N GLU C 211 10.35 -5.33 -15.44
CA GLU C 211 9.44 -4.18 -15.25
C GLU C 211 8.18 -4.37 -16.11
N LEU C 212 8.36 -4.91 -17.32
CA LEU C 212 7.23 -5.12 -18.22
C LEU C 212 6.29 -6.23 -17.72
N MET C 213 6.84 -7.40 -17.36
CA MET C 213 6.03 -8.54 -16.95
C MET C 213 5.30 -8.33 -15.63
N THR C 214 5.77 -7.36 -14.86
CA THR C 214 5.14 -6.98 -13.60
C THR C 214 4.19 -5.81 -13.83
N PHE C 215 4.13 -5.34 -15.08
CA PHE C 215 3.23 -4.27 -15.48
C PHE C 215 3.66 -2.99 -14.78
N GLY C 216 4.96 -2.75 -14.80
CA GLY C 216 5.53 -1.56 -14.18
C GLY C 216 5.94 -1.75 -12.73
N GLY C 217 6.41 -2.94 -12.38
CA GLY C 217 6.98 -3.17 -11.06
C GLY C 217 8.23 -2.33 -10.80
N LYS C 218 8.35 -1.82 -9.58
CA LYS C 218 9.56 -1.16 -9.13
C LYS C 218 10.52 -2.21 -8.58
N PRO C 219 11.68 -2.40 -9.24
CA PRO C 219 12.56 -3.51 -8.86
C PRO C 219 13.07 -3.33 -7.45
N TYR C 220 13.07 -4.42 -6.69
CA TYR C 220 13.46 -4.42 -5.29
C TYR C 220 12.71 -3.30 -4.55
N ASP C 221 11.39 -3.32 -4.67
CA ASP C 221 10.52 -2.34 -4.03
C ASP C 221 10.73 -2.39 -2.52
N GLY C 222 11.05 -1.24 -1.93
CA GLY C 222 11.22 -1.16 -0.49
C GLY C 222 12.65 -1.24 -0.01
N ILE C 223 13.52 -1.87 -0.78
CA ILE C 223 14.91 -2.01 -0.37
C ILE C 223 15.68 -0.74 -0.76
N PRO C 224 16.30 -0.07 0.24
CA PRO C 224 17.13 1.09 -0.06
C PRO C 224 18.26 0.76 -1.05
N THR C 225 18.61 1.73 -1.91
CA THR C 225 19.75 1.62 -2.82
C THR C 225 21.05 1.19 -2.11
N ARG C 226 21.23 1.69 -0.89
CA ARG C 226 22.30 1.27 0.03
C ARG C 226 22.49 -0.25 0.18
N GLU C 227 21.39 -0.99 0.19
CA GLU C 227 21.39 -2.43 0.54
C GLU C 227 21.47 -3.34 -0.67
N ILE C 228 21.39 -2.74 -1.85
CA ILE C 228 21.36 -3.46 -3.11
C ILE C 228 22.64 -4.25 -3.42
N PRO C 229 23.81 -3.67 -3.30
CA PRO C 229 25.03 -4.40 -3.52
C PRO C 229 25.10 -5.64 -2.71
N ASP C 230 24.80 -5.50 -1.45
CA ASP C 230 24.67 -6.57 -0.54
C ASP C 230 23.67 -7.62 -0.88
N LEU C 231 22.47 -7.24 -1.29
CA LEU C 231 21.50 -8.15 -1.83
C LEU C 231 21.97 -9.03 -2.96
N LEU C 232 22.49 -8.40 -3.96
CA LEU C 232 23.02 -9.05 -5.08
C LEU C 232 24.25 -9.93 -4.80
N GLU C 233 25.12 -9.46 -3.92
CA GLU C 233 26.29 -10.23 -3.51
C GLU C 233 25.87 -11.56 -2.89
N LYS C 234 24.71 -11.57 -2.24
CA LYS C 234 24.17 -12.79 -1.66
C LYS C 234 23.73 -13.77 -2.75
N GLY C 235 23.51 -13.25 -3.95
CA GLY C 235 22.98 -14.05 -5.04
C GLY C 235 21.47 -13.96 -5.13
N GLU C 236 20.87 -13.08 -4.35
CA GLU C 236 19.46 -12.75 -4.47
C GLU C 236 19.18 -11.99 -5.77
N ARG C 237 18.07 -12.33 -6.42
CA ARG C 237 17.68 -11.65 -7.66
C ARG C 237 16.19 -11.29 -7.62
N LEU C 238 15.71 -10.62 -8.66
CA LEU C 238 14.29 -10.23 -8.75
C LEU C 238 13.39 -11.46 -8.81
N PRO C 239 12.20 -11.36 -8.19
CA PRO C 239 11.32 -12.53 -8.06
C PRO C 239 10.70 -12.92 -9.41
N GLN C 240 10.19 -14.15 -9.51
CA GLN C 240 9.49 -14.60 -10.72
C GLN C 240 8.09 -13.98 -10.78
N PRO C 241 7.84 -13.10 -11.77
CA PRO C 241 6.52 -12.47 -11.86
C PRO C 241 5.40 -13.48 -12.14
N PRO C 242 4.24 -13.30 -11.47
CA PRO C 242 3.05 -14.16 -11.57
C PRO C 242 2.75 -14.68 -12.97
N ILE C 243 2.87 -13.84 -13.99
CA ILE C 243 2.49 -14.26 -15.34
C ILE C 243 3.57 -15.09 -16.05
N CYS C 244 4.79 -15.04 -15.54
CA CYS C 244 5.92 -15.64 -16.23
C CYS C 244 6.04 -17.14 -16.04
N THR C 245 6.11 -17.86 -17.13
CA THR C 245 6.52 -19.25 -17.08
C THR C 245 8.02 -19.31 -16.73
N ILE C 246 8.45 -20.44 -16.20
CA ILE C 246 9.86 -20.66 -15.95
C ILE C 246 10.72 -20.42 -17.20
N ASP C 247 10.18 -20.70 -18.38
CA ASP C 247 10.90 -20.46 -19.62
C ASP C 247 11.29 -18.99 -19.77
N VAL C 248 10.38 -18.09 -19.40
CA VAL C 248 10.64 -16.66 -19.53
C VAL C 248 11.51 -16.15 -18.37
N TYR C 249 11.19 -16.59 -17.16
CA TYR C 249 11.94 -16.18 -15.98
C TYR C 249 13.39 -16.64 -16.06
N MET C 250 13.62 -17.82 -16.61
CA MET C 250 14.98 -18.33 -16.75
C MET C 250 15.81 -17.40 -17.66
N VAL C 251 15.22 -16.90 -18.74
CA VAL C 251 15.93 -15.97 -19.60
C VAL C 251 16.36 -14.76 -18.77
N MET C 252 15.46 -14.26 -17.92
CA MET C 252 15.78 -13.14 -17.04
C MET C 252 16.95 -13.49 -16.12
N VAL C 253 16.83 -14.63 -15.45
CA VAL C 253 17.86 -15.07 -14.53
C VAL C 253 19.22 -15.26 -15.23
N LYS C 254 19.21 -15.70 -16.48
CA LYS C 254 20.46 -15.84 -17.24
C LYS C 254 21.18 -14.51 -17.40
N CYS C 255 20.41 -13.43 -17.51
CA CYS C 255 20.97 -12.08 -17.63
C CYS C 255 21.57 -11.57 -16.32
N TRP C 256 21.28 -12.27 -15.23
CA TRP C 256 21.74 -11.82 -13.92
C TRP C 256 22.75 -12.78 -13.34
N MET C 257 23.45 -13.48 -14.23
CA MET C 257 24.57 -14.34 -13.81
C MET C 257 25.80 -13.49 -13.60
N ILE C 258 26.63 -13.91 -12.65
CA ILE C 258 27.85 -13.18 -12.30
C ILE C 258 28.85 -13.11 -13.44
N ASP C 259 29.17 -14.24 -14.04
CA ASP C 259 30.08 -14.27 -15.19
C ASP C 259 29.43 -13.56 -16.38
N ALA C 260 29.79 -12.30 -16.59
CA ALA C 260 29.15 -11.44 -17.61
C ALA C 260 29.20 -12.00 -19.04
N ASP C 261 30.32 -12.58 -19.45
CA ASP C 261 30.47 -13.20 -20.79
C ASP C 261 29.56 -14.42 -21.05
N SER C 262 29.12 -15.06 -19.97
CA SER C 262 28.19 -16.20 -20.01
C SER C 262 26.75 -15.82 -20.28
N ARG C 263 26.37 -14.59 -19.92
CA ARG C 263 25.02 -14.08 -20.18
C ARG C 263 24.69 -14.17 -21.66
N PRO C 264 23.41 -14.38 -22.00
CA PRO C 264 23.04 -14.46 -23.42
C PRO C 264 23.35 -13.12 -24.09
N LYS C 265 23.60 -13.16 -25.39
CA LYS C 265 23.83 -11.93 -26.15
C LYS C 265 22.50 -11.40 -26.62
N PHE C 266 22.48 -10.12 -26.99
CA PHE C 266 21.26 -9.48 -27.48
C PHE C 266 20.74 -10.19 -28.71
N LYS C 267 21.67 -10.63 -29.57
CA LYS C 267 21.32 -11.48 -30.71
C LYS C 267 20.57 -12.77 -30.33
N GLU C 268 20.99 -13.41 -29.24
CA GLU C 268 20.36 -14.66 -28.78
C GLU C 268 19.01 -14.39 -28.11
N LEU C 269 18.92 -13.27 -27.39
CA LEU C 269 17.68 -12.86 -26.75
C LEU C 269 16.60 -12.50 -27.76
N ALA C 270 16.99 -11.89 -28.87
CA ALA C 270 16.02 -11.52 -29.92
C ALA C 270 15.42 -12.77 -30.55
N ALA C 271 16.29 -13.72 -30.89
CA ALA C 271 15.88 -15.02 -31.42
C ALA C 271 15.01 -15.79 -30.42
N GLU C 272 15.45 -15.86 -29.17
CA GLU C 272 14.68 -16.54 -28.14
C GLU C 272 13.26 -15.99 -27.99
N PHE C 273 13.13 -14.69 -27.78
CA PHE C 273 11.79 -14.10 -27.67
C PHE C 273 10.98 -14.07 -28.99
N SER C 274 11.66 -14.08 -30.13
CA SER C 274 11.03 -14.31 -31.43
C SER C 274 10.37 -15.70 -31.50
N ARG C 275 11.08 -16.72 -31.01
CA ARG C 275 10.53 -18.07 -30.93
C ARG C 275 9.30 -18.13 -30.03
N MET C 276 9.41 -17.54 -28.83
CA MET C 276 8.28 -17.49 -27.90
C MET C 276 7.11 -16.64 -28.44
N ALA C 277 7.44 -15.58 -29.17
CA ALA C 277 6.42 -14.73 -29.80
C ALA C 277 5.45 -15.51 -30.68
N ARG C 278 5.90 -16.64 -31.23
CA ARG C 278 5.06 -17.48 -32.10
C ARG C 278 3.91 -18.21 -31.38
N ASP C 279 4.05 -18.37 -30.07
CA ASP C 279 3.04 -19.03 -29.25
C ASP C 279 3.00 -18.34 -27.88
N PRO C 280 2.49 -17.10 -27.83
CA PRO C 280 2.63 -16.23 -26.67
C PRO C 280 2.03 -16.78 -25.38
N GLN C 281 0.87 -17.41 -25.48
CA GLN C 281 0.14 -17.97 -24.33
C GLN C 281 0.84 -19.19 -23.70
N ARG C 282 1.76 -19.78 -24.45
CA ARG C 282 2.56 -20.87 -23.92
C ARG C 282 3.58 -20.35 -22.94
N TYR C 283 3.94 -19.08 -23.06
CA TYR C 283 5.06 -18.52 -22.30
C TYR C 283 4.72 -17.46 -21.25
N LEU C 284 3.60 -16.76 -21.44
CA LEU C 284 3.11 -15.84 -20.42
C LEU C 284 1.64 -16.10 -20.18
N VAL C 285 1.25 -16.17 -18.92
CA VAL C 285 -0.08 -16.59 -18.55
C VAL C 285 -0.82 -15.39 -17.96
N ILE C 286 -1.68 -14.79 -18.78
CA ILE C 286 -2.45 -13.59 -18.41
C ILE C 286 -3.94 -13.86 -18.50
N GLN C 287 -4.66 -13.50 -17.44
CA GLN C 287 -6.11 -13.71 -17.32
C GLN C 287 -6.97 -13.20 -18.50
N GLY C 288 -6.69 -12.00 -18.99
CA GLY C 288 -7.46 -11.44 -20.09
C GLY C 288 -7.39 -12.23 -21.39
N ASP C 289 -6.18 -12.59 -21.81
CA ASP C 289 -5.89 -13.20 -23.12
C ASP C 289 -6.99 -14.05 -23.76
#